data_7C2M
#
_entry.id   7C2M
#
_cell.length_a   87.243
_cell.length_b   143.625
_cell.length_c   143.198
_cell.angle_alpha   90.000
_cell.angle_beta   90.000
_cell.angle_gamma   90.000
#
_symmetry.space_group_name_H-M   'P 21 21 21'
#
loop_
_entity.id
_entity.type
_entity.pdbx_description
1 polymer 'Chimera of drug exporters of the RND superfamily-like protein and Endolysin'
2 non-polymer N-(4,4-dimethylcyclohexyl)-4,6-bis(fluoranyl)-1H-indole-2-carboxamide
3 non-polymer 'alpha-D-glucopyranosyl 6-O-dodecyl-alpha-D-glucopyranoside'
4 non-polymer '(CARBAMOYLMETHYL-CARBOXYMETHYL-AMINO)-ACETIC ACID'
#
_entity_poly.entity_id   1
_entity_poly.type   'polypeptide(L)'
_entity_poly.pdbx_seq_one_letter_code
;FQSNAMFAWWGRTVYQFRYIVIGVMVALCLGGGVYGISLGNHVTQSGFYDEGSQSVAASLIGDEVYGRDRTSHVVAILTP
PDDKKVTDKAWQKKVTEELDQVVKDHEDQIVGWVGWLKAPDTTDPTVSAMKTQDLRHTFISIPLQGDDDDEILKNYQVVE
PELQQVNGGDIRLAGLNPLASELTGTIGEDQKRAEVAAIPLVAVVLFFVFGTVIAAALPAIIGGLAIAGALGIMRLVAEF
TPVHFFAQPVVTLIGLGIAIDYGLFIVSRFREEIAEGYDTEAAVRRTVMTSGRTVVFSAVIIVASSVPLLLFPQGFLKSI
TYAIIASVMLAAILSITVLAAALAILGPRVDALGVTTLLKIPFLANWQFSRRIIDWFAEKTQKTKTREEVERGFWGRLVN
VVMKRPIAFAAPILVVMVLLIIPLGQLSLGGISEKYLPPDNAVRQSQEQFDKLFPGFRTEPLTLVMKREDGEPITDAQIA
DMRAKALTVSGFTDPDNDPEKMWKERPANDSGSKDPSVRVIQNGLENRNDAAKKIDELRALQPPHGIEVFVGGTPALEQD
SIHSLFDKLPLMALILIVTTTVLMFLAFGSVVLPIKAALMSALTLGSTMGILTWMFVDGHGSGLMNYTPQPLMAPMIGLI
IAVIWGLSTDYEVFLVSRMVEARERGMSTAEAIRIGTATTGRLITGAALILAVVAGAFVFSDLVMMKYLAFGLLIALLLD
ATIIRMFLVPAVMKLLGDDCWWAPRWMKRVQEKEFNIFEMLRIDEGLRLKIYKDTEGYYTIGIGHLLTKSPSLNAAKSEL
DKAIGRNTNGVITKDEAEKLFNQDVDAAVRGILRNAKLKPVYDSLDAVRRAALINMVFQMGETGVAGFTNSLRMLQQKRW
DEAAVNLAKSRWYNQTPNRAKRVITTFRTGTWDAYEFHLGGIKAFHHHHHHHHH
;
_entity_poly.pdbx_strand_id   A
#
loop_
_chem_comp.id
_chem_comp.type
_chem_comp.name
_chem_comp.formula
FFU non-polymer N-(4,4-dimethylcyclohexyl)-4,6-bis(fluoranyl)-1H-indole-2-carboxamide 'C17 H20 F2 N2 O'
L6T saccharide 'alpha-D-glucopyranosyl 6-O-dodecyl-alpha-D-glucopyranoside' 'C24 H46 O11'
MHA non-polymer '(CARBAMOYLMETHYL-CARBOXYMETHYL-AMINO)-ACETIC ACID' 'C6 H10 N2 O5'
#
# COMPACT_ATOMS: atom_id res chain seq x y z
N PHE A 1 23.77 -9.54 1.40
CA PHE A 1 23.50 -10.71 0.57
C PHE A 1 22.23 -10.49 -0.25
N GLN A 2 22.41 -10.10 -1.51
CA GLN A 2 21.32 -9.75 -2.40
C GLN A 2 21.17 -10.82 -3.48
N SER A 3 20.19 -10.62 -4.36
CA SER A 3 19.94 -11.55 -5.45
C SER A 3 19.32 -10.77 -6.60
N ASN A 4 20.05 -10.66 -7.71
CA ASN A 4 19.55 -10.02 -8.91
C ASN A 4 19.50 -10.94 -10.12
N ALA A 5 20.11 -12.13 -10.04
CA ALA A 5 19.98 -13.10 -11.12
C ALA A 5 18.53 -13.50 -11.33
N MET A 6 17.73 -13.39 -10.27
CA MET A 6 16.31 -13.69 -10.35
C MET A 6 15.63 -12.60 -11.19
N PHE A 7 15.97 -11.34 -10.91
CA PHE A 7 15.40 -10.23 -11.66
C PHE A 7 15.94 -10.17 -13.08
N ALA A 8 17.21 -10.52 -13.29
CA ALA A 8 17.74 -10.59 -14.65
C ALA A 8 17.01 -11.67 -15.46
N TRP A 9 16.83 -12.85 -14.86
CA TRP A 9 16.12 -13.93 -15.54
C TRP A 9 14.69 -13.53 -15.85
N TRP A 10 14.04 -12.80 -14.93
CA TRP A 10 12.65 -12.42 -15.19
C TRP A 10 12.57 -11.32 -16.25
N GLY A 11 13.52 -10.38 -16.24
CA GLY A 11 13.56 -9.38 -17.30
C GLY A 11 13.78 -10.00 -18.66
N ARG A 12 14.55 -11.09 -18.71
CA ARG A 12 14.72 -11.82 -19.97
C ARG A 12 13.45 -12.57 -20.34
N THR A 13 12.83 -13.24 -19.36
CA THR A 13 11.70 -14.13 -19.64
C THR A 13 10.44 -13.36 -20.00
N VAL A 14 10.20 -12.23 -19.35
CA VAL A 14 9.01 -11.43 -19.64
C VAL A 14 9.08 -10.83 -21.03
N TYR A 15 10.28 -10.66 -21.58
CA TYR A 15 10.40 -10.31 -23.00
C TYR A 15 10.25 -11.54 -23.88
N GLN A 16 10.75 -12.68 -23.41
CA GLN A 16 10.66 -13.90 -24.21
C GLN A 16 9.21 -14.37 -24.36
N PHE A 17 8.45 -14.36 -23.27
CA PHE A 17 7.07 -14.83 -23.30
C PHE A 17 6.10 -13.71 -23.00
N ARG A 18 6.25 -12.58 -23.69
CA ARG A 18 5.48 -11.38 -23.33
C ARG A 18 4.00 -11.54 -23.64
N TYR A 19 3.65 -12.18 -24.75
CA TYR A 19 2.25 -12.30 -25.12
C TYR A 19 1.50 -13.20 -24.14
N ILE A 20 2.09 -14.35 -23.79
CA ILE A 20 1.47 -15.24 -22.82
C ILE A 20 1.29 -14.53 -21.49
N VAL A 21 2.32 -13.79 -21.05
CA VAL A 21 2.23 -13.07 -19.79
C VAL A 21 1.09 -12.07 -19.81
N ILE A 22 1.05 -11.21 -20.84
CA ILE A 22 0.03 -10.18 -20.89
C ILE A 22 -1.37 -10.81 -20.96
N GLY A 23 -1.52 -11.87 -21.75
CA GLY A 23 -2.83 -12.49 -21.88
C GLY A 23 -3.30 -13.13 -20.58
N VAL A 24 -2.45 -13.96 -19.97
CA VAL A 24 -2.82 -14.66 -18.75
C VAL A 24 -3.11 -13.68 -17.63
N MET A 25 -2.22 -12.69 -17.44
CA MET A 25 -2.39 -11.78 -16.32
C MET A 25 -3.58 -10.86 -16.51
N VAL A 26 -3.80 -10.36 -17.73
CA VAL A 26 -4.97 -9.50 -17.97
C VAL A 26 -6.25 -10.31 -17.81
N ALA A 27 -6.25 -11.56 -18.28
CA ALA A 27 -7.43 -12.41 -18.10
C ALA A 27 -7.71 -12.65 -16.63
N LEU A 28 -6.66 -12.93 -15.84
CA LEU A 28 -6.85 -13.13 -14.41
C LEU A 28 -7.39 -11.88 -13.74
N CYS A 29 -6.84 -10.71 -14.09
CA CYS A 29 -7.30 -9.47 -13.45
C CYS A 29 -8.74 -9.14 -13.83
N LEU A 30 -9.11 -9.36 -15.10
CA LEU A 30 -10.48 -9.04 -15.51
C LEU A 30 -11.48 -10.03 -14.92
N GLY A 31 -11.13 -11.32 -14.89
CA GLY A 31 -11.98 -12.28 -14.21
C GLY A 31 -12.10 -11.99 -12.73
N GLY A 32 -11.01 -11.51 -12.12
CA GLY A 32 -11.08 -11.12 -10.71
C GLY A 32 -11.98 -9.93 -10.49
N GLY A 33 -11.95 -8.97 -11.41
CA GLY A 33 -12.89 -7.85 -11.32
C GLY A 33 -14.33 -8.31 -11.44
N VAL A 34 -14.60 -9.19 -12.41
CA VAL A 34 -15.95 -9.74 -12.58
C VAL A 34 -16.38 -10.52 -11.34
N TYR A 35 -15.44 -11.19 -10.68
CA TYR A 35 -15.77 -11.99 -9.51
C TYR A 35 -15.89 -11.13 -8.25
N GLY A 36 -15.21 -10.00 -8.19
CA GLY A 36 -15.19 -9.15 -7.02
C GLY A 36 -16.08 -7.93 -7.07
N ILE A 37 -16.78 -7.71 -8.19
CA ILE A 37 -17.82 -6.68 -8.18
C ILE A 37 -18.87 -6.98 -7.11
N SER A 38 -19.14 -8.27 -6.86
CA SER A 38 -20.13 -8.67 -5.89
C SER A 38 -19.62 -8.63 -4.45
N LEU A 39 -18.47 -8.00 -4.20
CA LEU A 39 -17.97 -7.90 -2.84
C LEU A 39 -18.85 -7.02 -1.98
N GLY A 40 -19.57 -6.07 -2.58
CA GLY A 40 -20.44 -5.19 -1.83
C GLY A 40 -21.54 -5.89 -1.07
N ASN A 41 -21.89 -7.11 -1.47
CA ASN A 41 -22.91 -7.91 -0.80
C ASN A 41 -22.32 -8.97 0.11
N HIS A 42 -21.01 -8.96 0.33
CA HIS A 42 -20.36 -9.98 1.15
C HIS A 42 -19.42 -9.39 2.19
N VAL A 43 -19.44 -8.07 2.40
CA VAL A 43 -18.65 -7.46 3.46
C VAL A 43 -19.50 -7.40 4.73
N THR A 44 -18.87 -7.09 5.86
CA THR A 44 -19.55 -7.02 7.14
C THR A 44 -19.35 -5.63 7.76
N GLN A 45 -20.11 -5.38 8.83
CA GLN A 45 -19.99 -4.14 9.59
C GLN A 45 -19.45 -4.38 11.00
N SER A 46 -19.21 -5.63 11.38
CA SER A 46 -18.70 -5.95 12.69
C SER A 46 -17.17 -5.99 12.66
N GLY A 47 -16.57 -6.22 13.81
CA GLY A 47 -15.14 -6.24 13.96
C GLY A 47 -14.54 -5.03 14.68
N PHE A 48 -15.35 -4.26 15.40
CA PHE A 48 -14.85 -3.09 16.14
C PHE A 48 -14.49 -3.40 17.58
N TYR A 49 -14.82 -4.58 18.08
CA TYR A 49 -14.58 -4.96 19.46
C TYR A 49 -13.49 -6.02 19.54
N ASP A 50 -13.14 -6.37 20.78
CA ASP A 50 -12.29 -7.52 21.06
C ASP A 50 -13.20 -8.72 21.28
N GLU A 51 -13.23 -9.63 20.31
CA GLU A 51 -14.13 -10.77 20.38
C GLU A 51 -13.67 -11.83 21.37
N GLY A 52 -12.50 -11.67 21.98
CA GLY A 52 -12.08 -12.54 23.05
C GLY A 52 -12.13 -11.87 24.40
N SER A 53 -13.01 -10.89 24.52
CA SER A 53 -13.12 -10.08 25.73
C SER A 53 -14.35 -10.48 26.54
N GLN A 54 -14.42 -9.94 27.76
CA GLN A 54 -15.49 -10.30 28.68
C GLN A 54 -16.81 -9.65 28.28
N SER A 55 -16.77 -8.44 27.72
CA SER A 55 -18.01 -7.78 27.31
C SER A 55 -18.66 -8.52 26.15
N VAL A 56 -17.85 -9.02 25.20
CA VAL A 56 -18.40 -9.79 24.08
C VAL A 56 -18.98 -11.10 24.59
N ALA A 57 -18.32 -11.74 25.55
CA ALA A 57 -18.85 -12.97 26.13
C ALA A 57 -20.18 -12.72 26.83
N ALA A 58 -20.26 -11.61 27.57
CA ALA A 58 -21.52 -11.25 28.23
C ALA A 58 -22.62 -11.00 27.21
N SER A 59 -22.29 -10.29 26.13
CA SER A 59 -23.26 -10.04 25.08
C SER A 59 -23.74 -11.35 24.45
N LEU A 60 -22.82 -12.28 24.20
CA LEU A 60 -23.20 -13.56 23.60
C LEU A 60 -24.09 -14.38 24.52
N ILE A 61 -23.74 -14.42 25.82
CA ILE A 61 -24.54 -15.18 26.76
C ILE A 61 -25.93 -14.56 26.91
N GLY A 62 -25.99 -13.23 26.95
CA GLY A 62 -27.29 -12.57 27.02
C GLY A 62 -28.13 -12.79 25.77
N ASP A 63 -27.49 -12.80 24.61
CA ASP A 63 -28.21 -13.10 23.38
C ASP A 63 -28.76 -14.51 23.39
N GLU A 64 -27.96 -15.47 23.87
CA GLU A 64 -28.40 -16.86 23.93
C GLU A 64 -29.58 -17.03 24.89
N VAL A 65 -29.49 -16.39 26.06
CA VAL A 65 -30.44 -16.68 27.14
C VAL A 65 -31.69 -15.81 27.04
N TYR A 66 -31.52 -14.49 26.94
CA TYR A 66 -32.66 -13.58 26.87
C TYR A 66 -33.06 -13.21 25.45
N GLY A 67 -32.18 -13.36 24.49
CA GLY A 67 -32.49 -12.90 23.14
C GLY A 67 -31.94 -11.52 22.87
N ARG A 68 -31.56 -11.28 21.62
CA ARG A 68 -30.97 -10.01 21.26
C ARG A 68 -32.04 -8.90 21.27
N ASP A 69 -31.58 -7.69 21.59
CA ASP A 69 -32.48 -6.53 21.74
C ASP A 69 -32.80 -5.99 20.35
N ARG A 70 -34.00 -6.29 19.86
CA ARG A 70 -34.47 -5.79 18.57
C ARG A 70 -35.34 -4.55 18.70
N THR A 71 -35.32 -3.89 19.86
CA THR A 71 -36.14 -2.70 20.05
C THR A 71 -35.49 -1.45 19.44
N SER A 72 -34.17 -1.39 19.43
CA SER A 72 -33.44 -0.27 18.83
C SER A 72 -33.20 -0.46 17.34
N HIS A 73 -33.79 -1.50 16.74
CA HIS A 73 -33.59 -1.80 15.32
C HIS A 73 -34.12 -0.67 14.45
N VAL A 74 -35.43 -0.50 14.40
CA VAL A 74 -36.07 0.53 13.60
C VAL A 74 -37.00 1.35 14.49
N VAL A 75 -36.80 2.67 14.48
CA VAL A 75 -37.67 3.61 15.19
C VAL A 75 -38.30 4.51 14.14
N ALA A 76 -39.61 4.72 14.25
CA ALA A 76 -40.34 5.49 13.24
C ALA A 76 -41.12 6.60 13.93
N ILE A 77 -40.75 7.84 13.67
CA ILE A 77 -41.49 9.01 14.14
C ILE A 77 -42.58 9.32 13.12
N LEU A 78 -43.83 9.37 13.58
CA LEU A 78 -44.97 9.70 12.75
C LEU A 78 -45.57 11.01 13.22
N THR A 79 -45.83 11.91 12.28
CA THR A 79 -46.45 13.20 12.54
C THR A 79 -47.72 13.32 11.71
N PRO A 80 -48.87 13.54 12.33
CA PRO A 80 -50.11 13.68 11.56
C PRO A 80 -50.06 14.90 10.66
N PRO A 81 -50.82 14.91 9.57
CA PRO A 81 -50.77 16.03 8.64
C PRO A 81 -51.72 17.15 9.06
N ASP A 82 -51.44 18.35 8.55
CA ASP A 82 -52.31 19.51 8.72
C ASP A 82 -52.53 19.85 10.19
N ASP A 83 -51.43 19.83 10.97
CA ASP A 83 -51.44 20.16 12.39
C ASP A 83 -52.41 19.29 13.19
N LYS A 84 -52.79 18.13 12.66
CA LYS A 84 -53.68 17.23 13.39
C LYS A 84 -52.94 16.62 14.57
N LYS A 85 -53.71 15.95 15.42
CA LYS A 85 -53.18 15.31 16.62
C LYS A 85 -53.12 13.80 16.43
N VAL A 86 -52.27 13.16 17.23
CA VAL A 86 -52.06 11.72 17.14
C VAL A 86 -53.28 10.98 17.66
N THR A 87 -54.30 11.72 18.10
CA THR A 87 -55.54 11.13 18.60
C THR A 87 -56.63 11.03 17.54
N ASP A 88 -56.40 11.57 16.34
CA ASP A 88 -57.38 11.46 15.27
C ASP A 88 -57.60 10.00 14.92
N LYS A 89 -58.85 9.53 15.08
CA LYS A 89 -59.13 8.11 14.94
C LYS A 89 -59.04 7.66 13.47
N ALA A 90 -59.48 8.52 12.54
CA ALA A 90 -59.37 8.16 11.12
C ALA A 90 -57.91 8.03 10.70
N TRP A 91 -57.08 9.01 11.09
CA TRP A 91 -55.65 8.95 10.80
C TRP A 91 -55.00 7.76 11.50
N GLN A 92 -55.41 7.47 12.74
CA GLN A 92 -54.92 6.29 13.44
C GLN A 92 -55.19 5.02 12.64
N LYS A 93 -56.45 4.83 12.23
CA LYS A 93 -56.82 3.63 11.48
C LYS A 93 -56.05 3.55 10.17
N LYS A 94 -55.91 4.68 9.47
CA LYS A 94 -55.19 4.68 8.19
C LYS A 94 -53.75 4.24 8.38
N VAL A 95 -53.05 4.85 9.33
CA VAL A 95 -51.63 4.54 9.52
C VAL A 95 -51.46 3.12 10.04
N THR A 96 -52.38 2.66 10.89
CA THR A 96 -52.29 1.29 11.40
C THR A 96 -52.48 0.26 10.29
N GLU A 97 -53.45 0.49 9.41
CA GLU A 97 -53.64 -0.43 8.29
C GLU A 97 -52.44 -0.40 7.36
N GLU A 98 -51.85 0.78 7.14
CA GLU A 98 -50.64 0.87 6.31
C GLU A 98 -49.51 0.05 6.92
N LEU A 99 -49.30 0.18 8.23
CA LEU A 99 -48.23 -0.55 8.89
C LEU A 99 -48.47 -2.05 8.85
N ASP A 100 -49.71 -2.48 9.05
CA ASP A 100 -50.03 -3.90 8.96
C ASP A 100 -49.76 -4.44 7.56
N GLN A 101 -50.14 -3.67 6.54
CA GLN A 101 -49.86 -4.07 5.16
C GLN A 101 -48.36 -4.18 4.92
N VAL A 102 -47.58 -3.23 5.45
CA VAL A 102 -46.13 -3.27 5.26
C VAL A 102 -45.54 -4.50 5.94
N VAL A 103 -46.00 -4.82 7.15
CA VAL A 103 -45.42 -5.93 7.88
C VAL A 103 -45.80 -7.27 7.23
N LYS A 104 -47.04 -7.40 6.77
CA LYS A 104 -47.43 -8.68 6.18
C LYS A 104 -46.90 -8.86 4.75
N ASP A 105 -46.38 -7.80 4.13
CA ASP A 105 -45.69 -7.97 2.85
C ASP A 105 -44.30 -8.58 3.05
N HIS A 106 -43.68 -8.35 4.21
CA HIS A 106 -42.31 -8.77 4.47
C HIS A 106 -42.24 -9.50 5.81
N GLU A 107 -43.03 -10.56 5.93
CA GLU A 107 -42.97 -11.40 7.14
C GLU A 107 -41.63 -12.09 7.27
N ASP A 108 -40.90 -12.27 6.17
CA ASP A 108 -39.57 -12.86 6.23
C ASP A 108 -38.54 -11.91 6.82
N GLN A 109 -38.80 -10.61 6.79
CA GLN A 109 -37.83 -9.60 7.19
C GLN A 109 -38.24 -8.82 8.44
N ILE A 110 -39.53 -8.53 8.61
CA ILE A 110 -40.01 -7.75 9.75
C ILE A 110 -40.61 -8.70 10.77
N VAL A 111 -40.28 -8.47 12.06
CA VAL A 111 -40.93 -9.21 13.13
C VAL A 111 -42.32 -8.63 13.41
N GLY A 112 -42.42 -7.30 13.42
CA GLY A 112 -43.69 -6.65 13.67
C GLY A 112 -43.48 -5.17 13.89
N TRP A 113 -44.51 -4.52 14.41
CA TRP A 113 -44.43 -3.12 14.76
C TRP A 113 -45.10 -2.90 16.11
N VAL A 114 -44.39 -2.22 17.01
CA VAL A 114 -44.82 -2.05 18.40
C VAL A 114 -44.77 -0.61 18.86
N GLY A 115 -45.92 -0.10 19.33
CA GLY A 115 -45.98 1.30 19.70
C GLY A 115 -47.14 1.53 20.65
N TRP A 116 -47.34 2.81 20.99
CA TRP A 116 -48.57 3.32 21.55
C TRP A 116 -49.67 3.44 20.49
N LEU A 117 -49.28 3.64 19.23
CA LEU A 117 -50.26 3.76 18.16
C LEU A 117 -51.03 2.46 17.95
N LYS A 118 -50.49 1.32 18.40
CA LYS A 118 -51.21 0.06 18.30
C LYS A 118 -52.27 -0.05 19.40
N ALA A 119 -51.95 0.37 20.62
CA ALA A 119 -52.86 0.30 21.75
C ALA A 119 -52.97 1.70 22.36
N PRO A 120 -53.77 2.59 21.74
CA PRO A 120 -53.91 3.94 22.30
C PRO A 120 -54.56 3.96 23.67
N ASP A 121 -55.56 3.11 23.90
CA ASP A 121 -56.24 3.02 25.19
C ASP A 121 -55.41 2.11 26.10
N THR A 122 -54.47 2.72 26.83
CA THR A 122 -53.63 1.97 27.75
C THR A 122 -53.21 2.89 28.89
N THR A 123 -52.70 2.28 29.96
CA THR A 123 -52.18 3.02 31.10
C THR A 123 -50.70 2.76 31.36
N ASP A 124 -50.06 1.87 30.61
CA ASP A 124 -48.64 1.61 30.78
C ASP A 124 -47.86 2.90 30.59
N PRO A 125 -47.12 3.36 31.61
CA PRO A 125 -46.47 4.68 31.49
C PRO A 125 -45.43 4.76 30.39
N THR A 126 -44.67 3.69 30.17
CA THR A 126 -43.63 3.72 29.14
C THR A 126 -44.25 3.78 27.75
N VAL A 127 -45.34 3.04 27.53
CA VAL A 127 -46.00 3.07 26.23
C VAL A 127 -46.62 4.43 25.97
N SER A 128 -47.25 5.02 26.99
CA SER A 128 -47.84 6.35 26.86
C SER A 128 -46.80 7.44 26.71
N ALA A 129 -45.51 7.12 26.78
CA ALA A 129 -44.44 8.08 26.52
C ALA A 129 -44.01 8.09 25.07
N MET A 130 -44.46 7.12 24.27
CA MET A 130 -44.16 7.11 22.84
C MET A 130 -44.88 8.21 22.08
N LYS A 131 -45.66 9.04 22.76
CA LYS A 131 -46.33 10.19 22.17
C LYS A 131 -45.90 11.43 22.94
N THR A 132 -45.69 12.53 22.20
CA THR A 132 -45.34 13.78 22.85
C THR A 132 -46.55 14.34 23.60
N GLN A 133 -46.28 15.31 24.49
CA GLN A 133 -47.35 15.93 25.25
C GLN A 133 -48.30 16.68 24.33
N ASP A 134 -47.77 17.34 23.29
CA ASP A 134 -48.57 18.09 22.35
C ASP A 134 -49.44 17.20 21.46
N LEU A 135 -49.26 15.88 21.53
CA LEU A 135 -49.98 14.93 20.67
C LEU A 135 -49.77 15.24 19.19
N ARG A 136 -48.59 15.76 18.85
CA ARG A 136 -48.22 16.04 17.47
C ARG A 136 -47.24 15.02 16.89
N HIS A 137 -46.67 14.15 17.72
CA HIS A 137 -45.67 13.19 17.28
C HIS A 137 -45.84 11.89 18.06
N THR A 138 -45.69 10.77 17.38
CA THR A 138 -45.68 9.49 18.06
C THR A 138 -44.74 8.54 17.35
N PHE A 139 -43.91 7.82 18.10
CA PHE A 139 -42.94 6.93 17.50
C PHE A 139 -43.30 5.48 17.79
N ILE A 140 -42.95 4.62 16.84
CA ILE A 140 -43.18 3.18 16.95
C ILE A 140 -41.85 2.47 16.76
N SER A 141 -41.82 1.20 17.18
CA SER A 141 -40.65 0.35 17.05
C SER A 141 -40.95 -0.79 16.10
N ILE A 142 -40.03 -1.06 15.18
CA ILE A 142 -40.24 -2.08 14.15
C ILE A 142 -39.11 -3.11 14.23
N PRO A 143 -39.23 -4.14 15.06
CA PRO A 143 -38.18 -5.17 15.12
C PRO A 143 -38.12 -5.98 13.83
N LEU A 144 -36.92 -6.39 13.47
CA LEU A 144 -36.67 -7.09 12.23
C LEU A 144 -36.13 -8.49 12.49
N GLN A 145 -36.38 -9.39 11.54
CA GLN A 145 -35.86 -10.75 11.62
C GLN A 145 -34.37 -10.76 11.26
N GLY A 146 -33.62 -11.58 11.96
CA GLY A 146 -32.20 -11.72 11.69
C GLY A 146 -31.47 -12.36 12.83
N ASP A 147 -30.26 -12.82 12.54
CA ASP A 147 -29.40 -13.46 13.53
C ASP A 147 -28.01 -12.83 13.64
N ASP A 148 -27.57 -12.07 12.64
CA ASP A 148 -26.36 -11.25 12.74
C ASP A 148 -26.68 -9.89 12.15
N ASP A 149 -25.80 -8.92 12.41
CA ASP A 149 -26.06 -7.54 12.02
C ASP A 149 -26.26 -7.40 10.52
N ASP A 150 -25.50 -8.15 9.72
CA ASP A 150 -25.56 -8.00 8.27
C ASP A 150 -26.89 -8.46 7.72
N GLU A 151 -27.39 -9.60 8.17
CA GLU A 151 -28.69 -10.09 7.70
C GLU A 151 -29.81 -9.16 8.12
N ILE A 152 -29.71 -8.60 9.34
CA ILE A 152 -30.72 -7.65 9.81
C ILE A 152 -30.73 -6.40 8.93
N LEU A 153 -29.54 -5.88 8.60
CA LEU A 153 -29.46 -4.71 7.74
C LEU A 153 -29.98 -5.01 6.34
N LYS A 154 -29.73 -6.22 5.84
CA LYS A 154 -30.27 -6.60 4.54
C LYS A 154 -31.79 -6.65 4.56
N ASN A 155 -32.36 -7.23 5.62
CA ASN A 155 -33.82 -7.24 5.77
C ASN A 155 -34.37 -5.82 5.83
N TYR A 156 -33.70 -4.93 6.56
CA TYR A 156 -34.15 -3.55 6.63
C TYR A 156 -34.11 -2.87 5.27
N GLN A 157 -33.05 -3.12 4.50
CA GLN A 157 -32.95 -2.52 3.17
C GLN A 157 -34.00 -3.09 2.23
N VAL A 158 -34.39 -4.35 2.44
CA VAL A 158 -35.48 -4.93 1.67
C VAL A 158 -36.80 -4.23 2.00
N VAL A 159 -37.04 -3.95 3.28
CA VAL A 159 -38.34 -3.40 3.68
C VAL A 159 -38.44 -1.88 3.61
N GLU A 160 -37.31 -1.17 3.48
CA GLU A 160 -37.32 0.29 3.59
C GLU A 160 -38.10 0.99 2.48
N PRO A 161 -37.98 0.64 1.19
CA PRO A 161 -38.66 1.44 0.16
C PRO A 161 -40.16 1.55 0.35
N GLU A 162 -40.81 0.54 0.92
CA GLU A 162 -42.24 0.60 1.17
C GLU A 162 -42.56 1.21 2.52
N LEU A 163 -41.71 0.95 3.53
CA LEU A 163 -41.94 1.51 4.86
C LEU A 163 -41.77 3.03 4.87
N GLN A 164 -40.95 3.56 3.97
CA GLN A 164 -40.72 5.00 3.91
C GLN A 164 -41.94 5.77 3.42
N GLN A 165 -42.84 5.12 2.67
CA GLN A 165 -43.98 5.80 2.11
C GLN A 165 -45.10 6.04 3.13
N VAL A 166 -45.10 5.29 4.24
CA VAL A 166 -46.18 5.38 5.21
C VAL A 166 -46.37 6.82 5.66
N ASN A 167 -47.63 7.19 5.93
CA ASN A 167 -48.00 8.53 6.41
C ASN A 167 -47.63 9.61 5.39
N GLY A 168 -47.95 9.33 4.12
CA GLY A 168 -47.68 10.28 3.06
C GLY A 168 -46.23 10.68 2.93
N GLY A 169 -45.31 9.76 3.23
CA GLY A 169 -43.90 10.05 3.24
C GLY A 169 -43.40 10.79 4.46
N ASP A 170 -44.30 11.35 5.28
CA ASP A 170 -43.91 12.08 6.48
C ASP A 170 -43.70 11.15 7.67
N ILE A 171 -42.94 10.08 7.43
CA ILE A 171 -42.47 9.19 8.50
C ILE A 171 -40.95 9.28 8.53
N ARG A 172 -40.40 9.54 9.71
CA ARG A 172 -38.96 9.73 9.86
C ARG A 172 -38.36 8.47 10.49
N LEU A 173 -37.45 7.83 9.76
CA LEU A 173 -36.88 6.56 10.17
C LEU A 173 -35.52 6.77 10.81
N ALA A 174 -35.41 6.45 12.09
CA ALA A 174 -34.14 6.47 12.82
C ALA A 174 -33.90 5.10 13.45
N GLY A 175 -32.86 4.99 14.27
CA GLY A 175 -32.53 3.72 14.90
C GLY A 175 -31.18 3.21 14.48
N LEU A 176 -30.95 1.91 14.65
CA LEU A 176 -29.65 1.35 14.33
C LEU A 176 -29.48 1.09 12.85
N ASN A 177 -30.48 0.45 12.22
CA ASN A 177 -30.40 0.02 10.84
C ASN A 177 -30.42 1.17 9.83
N PRO A 178 -31.24 2.22 10.01
CA PRO A 178 -31.11 3.37 9.11
C PRO A 178 -29.73 4.02 9.14
N LEU A 179 -29.20 4.25 10.34
CA LEU A 179 -27.86 4.80 10.47
C LEU A 179 -26.83 3.87 9.83
N ALA A 180 -26.98 2.57 10.01
CA ALA A 180 -26.05 1.62 9.40
C ALA A 180 -26.12 1.69 7.87
N SER A 181 -27.33 1.76 7.33
CA SER A 181 -27.49 1.85 5.87
C SER A 181 -26.81 3.10 5.33
N GLU A 182 -26.99 4.24 5.99
CA GLU A 182 -26.35 5.47 5.54
C GLU A 182 -24.83 5.38 5.62
N LEU A 183 -24.33 4.93 6.79
CA LEU A 183 -22.88 4.85 6.99
C LEU A 183 -22.22 3.88 6.03
N THR A 184 -22.93 2.83 5.61
CA THR A 184 -22.35 1.90 4.66
C THR A 184 -22.47 2.40 3.22
N GLY A 185 -23.57 3.09 2.89
CA GLY A 185 -23.69 3.69 1.57
C GLY A 185 -22.68 4.80 1.32
N THR A 186 -22.15 5.39 2.40
CA THR A 186 -21.04 6.32 2.24
C THR A 186 -19.89 5.71 1.43
N ILE A 187 -19.65 4.40 1.59
CA ILE A 187 -18.56 3.75 0.86
C ILE A 187 -18.80 3.85 -0.64
N GLY A 188 -19.97 3.42 -1.10
CA GLY A 188 -20.27 3.51 -2.52
C GLY A 188 -20.30 4.94 -3.04
N GLU A 189 -20.77 5.87 -2.21
CA GLU A 189 -20.72 7.28 -2.58
C GLU A 189 -19.29 7.71 -2.85
N ASP A 190 -18.36 7.35 -1.96
CA ASP A 190 -16.96 7.70 -2.16
C ASP A 190 -16.38 7.01 -3.39
N GLN A 191 -16.78 5.76 -3.65
CA GLN A 191 -16.31 5.06 -4.84
C GLN A 191 -16.72 5.81 -6.10
N LYS A 192 -17.99 6.24 -6.17
CA LYS A 192 -18.47 6.95 -7.36
C LYS A 192 -17.80 8.32 -7.48
N ARG A 193 -17.63 9.02 -6.36
CA ARG A 193 -16.92 10.30 -6.38
C ARG A 193 -15.52 10.13 -6.92
N ALA A 194 -14.83 9.07 -6.49
CA ALA A 194 -13.48 8.79 -7.00
C ALA A 194 -13.51 8.53 -8.50
N GLU A 195 -14.41 7.64 -8.94
CA GLU A 195 -14.56 7.37 -10.37
C GLU A 195 -14.71 8.66 -11.17
N VAL A 196 -15.53 9.59 -10.68
CA VAL A 196 -15.81 10.79 -11.46
C VAL A 196 -14.62 11.74 -11.43
N ALA A 197 -14.01 11.94 -10.27
CA ALA A 197 -13.02 13.01 -10.12
C ALA A 197 -11.60 12.56 -10.41
N ALA A 198 -11.14 11.48 -9.76
CA ALA A 198 -9.72 11.16 -9.78
C ALA A 198 -9.28 10.65 -11.14
N ILE A 199 -10.14 9.91 -11.84
CA ILE A 199 -9.73 9.28 -13.10
C ILE A 199 -9.29 10.30 -14.14
N PRO A 200 -10.10 11.31 -14.49
CA PRO A 200 -9.61 12.31 -15.44
C PRO A 200 -8.46 13.15 -14.90
N LEU A 201 -8.45 13.44 -13.60
CA LEU A 201 -7.34 14.20 -13.03
C LEU A 201 -6.04 13.39 -13.07
N VAL A 202 -6.12 12.10 -12.78
CA VAL A 202 -4.94 11.25 -12.90
C VAL A 202 -4.49 11.16 -14.35
N ALA A 203 -5.45 11.08 -15.28
CA ALA A 203 -5.09 11.08 -16.70
C ALA A 203 -4.33 12.35 -17.06
N VAL A 204 -4.79 13.50 -16.56
CA VAL A 204 -4.15 14.77 -16.88
C VAL A 204 -2.75 14.82 -16.26
N VAL A 205 -2.62 14.40 -15.01
CA VAL A 205 -1.32 14.44 -14.34
C VAL A 205 -0.32 13.53 -15.04
N LEU A 206 -0.77 12.33 -15.43
CA LEU A 206 0.10 11.42 -16.17
C LEU A 206 0.50 12.01 -17.51
N PHE A 207 -0.47 12.55 -18.26
CA PHE A 207 -0.17 13.15 -19.55
C PHE A 207 0.74 14.37 -19.43
N PHE A 208 0.79 14.98 -18.25
CA PHE A 208 1.75 16.05 -18.02
C PHE A 208 3.10 15.54 -17.54
N VAL A 209 3.16 14.33 -16.97
CA VAL A 209 4.44 13.71 -16.66
C VAL A 209 5.08 13.14 -17.93
N PHE A 210 4.30 12.41 -18.72
CA PHE A 210 4.72 11.91 -20.02
C PHE A 210 3.94 12.67 -21.09
N GLY A 211 4.65 13.47 -21.90
CA GLY A 211 3.99 14.16 -22.99
C GLY A 211 3.58 13.22 -24.09
N THR A 212 2.77 12.22 -23.77
CA THR A 212 2.42 11.15 -24.70
C THR A 212 1.16 10.45 -24.21
N VAL A 213 0.33 10.01 -25.16
CA VAL A 213 -0.91 9.32 -24.81
C VAL A 213 -0.61 7.95 -24.22
N ILE A 214 0.26 7.17 -24.88
CA ILE A 214 0.47 5.78 -24.48
C ILE A 214 1.24 5.70 -23.17
N ALA A 215 2.33 6.47 -23.07
CA ALA A 215 3.17 6.44 -21.87
C ALA A 215 2.43 6.91 -20.64
N ALA A 216 1.39 7.72 -20.80
CA ALA A 216 0.55 8.14 -19.69
C ALA A 216 -0.64 7.22 -19.47
N ALA A 217 -1.08 6.51 -20.52
CA ALA A 217 -2.23 5.64 -20.38
C ALA A 217 -1.85 4.32 -19.73
N LEU A 218 -0.64 3.82 -19.99
CA LEU A 218 -0.23 2.53 -19.43
C LEU A 218 -0.35 2.45 -17.91
N PRO A 219 0.14 3.41 -17.11
CA PRO A 219 -0.04 3.30 -15.67
C PRO A 219 -1.51 3.33 -15.23
N ALA A 220 -2.36 4.03 -15.98
CA ALA A 220 -3.77 4.05 -15.64
C ALA A 220 -4.42 2.68 -15.85
N ILE A 221 -4.10 2.03 -16.98
CA ILE A 221 -4.59 0.68 -17.20
C ILE A 221 -4.04 -0.28 -16.15
N ILE A 222 -2.79 -0.07 -15.74
CA ILE A 222 -2.21 -0.90 -14.69
C ILE A 222 -2.97 -0.72 -13.38
N GLY A 223 -3.31 0.52 -13.03
CA GLY A 223 -4.07 0.76 -11.82
C GLY A 223 -5.46 0.17 -11.87
N GLY A 224 -6.11 0.25 -13.03
CA GLY A 224 -7.42 -0.36 -13.17
C GLY A 224 -7.37 -1.87 -13.01
N LEU A 225 -6.41 -2.52 -13.68
CA LEU A 225 -6.24 -3.96 -13.53
C LEU A 225 -5.93 -4.33 -12.09
N ALA A 226 -5.14 -3.50 -11.41
CA ALA A 226 -4.80 -3.77 -10.02
C ALA A 226 -6.02 -3.67 -9.12
N ILE A 227 -6.85 -2.64 -9.32
CA ILE A 227 -8.07 -2.51 -8.53
C ILE A 227 -8.98 -3.71 -8.76
N ALA A 228 -9.16 -4.11 -10.02
CA ALA A 228 -10.03 -5.25 -10.32
C ALA A 228 -9.51 -6.53 -9.65
N GLY A 229 -8.22 -6.81 -9.81
CA GLY A 229 -7.66 -8.02 -9.23
C GLY A 229 -7.70 -8.01 -7.71
N ALA A 230 -7.45 -6.85 -7.10
CA ALA A 230 -7.48 -6.76 -5.64
C ALA A 230 -8.89 -6.94 -5.11
N LEU A 231 -9.89 -6.39 -5.81
CA LEU A 231 -11.27 -6.64 -5.41
C LEU A 231 -11.63 -8.12 -5.54
N GLY A 232 -11.15 -8.77 -6.59
CA GLY A 232 -11.36 -10.21 -6.70
C GLY A 232 -10.70 -10.99 -5.57
N ILE A 233 -9.48 -10.60 -5.20
CA ILE A 233 -8.77 -11.29 -4.13
C ILE A 233 -9.48 -11.09 -2.80
N MET A 234 -9.98 -9.89 -2.54
CA MET A 234 -10.72 -9.66 -1.30
C MET A 234 -12.05 -10.40 -1.31
N ARG A 235 -12.70 -10.52 -2.46
CA ARG A 235 -13.89 -11.35 -2.56
C ARG A 235 -13.57 -12.80 -2.24
N LEU A 236 -12.42 -13.30 -2.71
CA LEU A 236 -12.01 -14.66 -2.37
C LEU A 236 -11.74 -14.80 -0.88
N VAL A 237 -11.10 -13.80 -0.26
CA VAL A 237 -10.85 -13.83 1.17
C VAL A 237 -12.15 -13.82 1.96
N ALA A 238 -13.18 -13.14 1.43
CA ALA A 238 -14.48 -13.11 2.09
C ALA A 238 -15.09 -14.49 2.28
N GLU A 239 -14.60 -15.51 1.55
CA GLU A 239 -15.09 -16.87 1.72
C GLU A 239 -14.53 -17.54 2.98
N PHE A 240 -13.41 -17.07 3.50
CA PHE A 240 -12.76 -17.70 4.65
C PHE A 240 -12.93 -16.91 5.94
N THR A 241 -12.79 -15.59 5.90
CA THR A 241 -12.92 -14.74 7.07
C THR A 241 -13.73 -13.50 6.73
N PRO A 242 -14.40 -12.90 7.71
CA PRO A 242 -15.19 -11.70 7.43
C PRO A 242 -14.32 -10.53 6.99
N VAL A 243 -14.69 -9.92 5.87
CA VAL A 243 -14.03 -8.71 5.37
C VAL A 243 -14.92 -7.52 5.65
N HIS A 244 -14.35 -6.48 6.25
CA HIS A 244 -15.13 -5.32 6.65
C HIS A 244 -15.47 -4.44 5.44
N PHE A 245 -16.55 -3.66 5.59
CA PHE A 245 -16.93 -2.70 4.56
C PHE A 245 -15.78 -1.76 4.23
N PHE A 246 -15.17 -1.18 5.27
CA PHE A 246 -14.12 -0.17 5.10
C PHE A 246 -12.92 -0.69 4.32
N ALA A 247 -12.82 -2.00 4.10
CA ALA A 247 -11.73 -2.55 3.31
C ALA A 247 -11.89 -2.26 1.81
N GLN A 248 -13.12 -1.97 1.35
CA GLN A 248 -13.29 -1.68 -0.07
C GLN A 248 -12.66 -0.35 -0.47
N PRO A 249 -12.95 0.78 0.18
CA PRO A 249 -12.33 2.04 -0.28
C PRO A 249 -10.82 2.05 -0.12
N VAL A 250 -10.27 1.33 0.85
CA VAL A 250 -8.82 1.23 0.98
C VAL A 250 -8.21 0.78 -0.33
N VAL A 251 -8.75 -0.31 -0.92
CA VAL A 251 -8.28 -0.79 -2.21
C VAL A 251 -8.23 0.34 -3.23
N THR A 252 -9.22 1.23 -3.20
CA THR A 252 -9.21 2.35 -4.13
C THR A 252 -8.38 3.51 -3.63
N LEU A 253 -8.29 3.71 -2.31
CA LEU A 253 -7.53 4.84 -1.77
C LEU A 253 -6.02 4.60 -1.84
N ILE A 254 -5.58 3.41 -1.43
CA ILE A 254 -4.16 3.09 -1.33
C ILE A 254 -3.68 2.31 -2.55
N GLY A 255 -4.45 1.30 -2.96
CA GLY A 255 -4.01 0.44 -4.05
C GLY A 255 -3.84 1.19 -5.36
N LEU A 256 -4.80 2.05 -5.71
CA LEU A 256 -4.76 2.72 -7.01
C LEU A 256 -3.56 3.66 -7.11
N GLY A 257 -3.33 4.46 -6.07
CA GLY A 257 -2.22 5.40 -6.11
C GLY A 257 -0.88 4.71 -6.25
N ILE A 258 -0.65 3.66 -5.44
CA ILE A 258 0.62 2.96 -5.49
C ILE A 258 0.78 2.23 -6.82
N ALA A 259 -0.30 1.67 -7.35
CA ALA A 259 -0.22 0.98 -8.63
C ALA A 259 0.15 1.95 -9.76
N ILE A 260 -0.53 3.10 -9.81
CA ILE A 260 -0.22 4.09 -10.84
C ILE A 260 1.18 4.66 -10.65
N ASP A 261 1.64 4.79 -9.40
CA ASP A 261 2.99 5.30 -9.18
C ASP A 261 4.04 4.29 -9.60
N TYR A 262 3.75 3.01 -9.39
CA TYR A 262 4.64 1.94 -9.79
C TYR A 262 4.75 1.98 -11.32
N GLY A 263 3.61 2.06 -11.99
CA GLY A 263 3.60 2.14 -13.44
C GLY A 263 4.34 3.35 -13.97
N LEU A 264 4.13 4.50 -13.33
CA LEU A 264 4.80 5.73 -13.73
C LEU A 264 6.32 5.57 -13.63
N PHE A 265 6.81 5.05 -12.50
CA PHE A 265 8.25 4.90 -12.31
C PHE A 265 8.84 3.92 -13.32
N ILE A 266 8.14 2.81 -13.56
CA ILE A 266 8.68 1.79 -14.47
C ILE A 266 8.69 2.29 -15.90
N VAL A 267 7.62 2.97 -16.33
CA VAL A 267 7.59 3.52 -17.69
C VAL A 267 8.65 4.59 -17.85
N SER A 268 8.86 5.42 -16.82
CA SER A 268 9.89 6.45 -16.89
C SER A 268 11.28 5.82 -17.02
N ARG A 269 11.54 4.75 -16.27
CA ARG A 269 12.85 4.10 -16.36
C ARG A 269 13.03 3.43 -17.71
N PHE A 270 11.96 2.83 -18.25
CA PHE A 270 12.05 2.25 -19.59
C PHE A 270 12.36 3.31 -20.62
N ARG A 271 11.76 4.49 -20.49
CA ARG A 271 12.06 5.58 -21.42
C ARG A 271 13.49 6.06 -21.25
N GLU A 272 13.98 6.15 -20.01
CA GLU A 272 15.38 6.47 -19.78
C GLU A 272 16.30 5.49 -20.51
N GLU A 273 16.06 4.19 -20.33
CA GLU A 273 16.91 3.18 -20.94
C GLU A 273 16.85 3.24 -22.46
N ILE A 274 15.65 3.41 -23.02
CA ILE A 274 15.53 3.51 -24.47
C ILE A 274 16.25 4.73 -25.00
N ALA A 275 16.15 5.85 -24.30
CA ALA A 275 16.84 7.08 -24.71
C ALA A 275 18.34 7.01 -24.47
N GLU A 276 18.82 6.03 -23.69
CA GLU A 276 20.26 5.86 -23.50
C GLU A 276 20.91 4.97 -24.55
N GLY A 277 20.15 4.47 -25.53
CA GLY A 277 20.70 3.77 -26.67
C GLY A 277 20.38 2.30 -26.72
N TYR A 278 19.90 1.72 -25.62
CA TYR A 278 19.59 0.30 -25.59
C TYR A 278 18.36 0.00 -26.43
N ASP A 279 18.29 -1.23 -26.94
CA ASP A 279 17.11 -1.69 -27.65
C ASP A 279 16.05 -2.16 -26.67
N THR A 280 14.91 -2.61 -27.20
CA THR A 280 13.77 -2.93 -26.35
C THR A 280 14.08 -4.05 -25.37
N GLU A 281 14.83 -5.07 -25.81
CA GLU A 281 15.12 -6.21 -24.95
C GLU A 281 15.97 -5.79 -23.74
N ALA A 282 17.12 -5.17 -24.01
CA ALA A 282 17.97 -4.69 -22.93
C ALA A 282 17.26 -3.62 -22.10
N ALA A 283 16.42 -2.80 -22.73
CA ALA A 283 15.67 -1.80 -21.99
C ALA A 283 14.76 -2.46 -20.96
N VAL A 284 14.00 -3.48 -21.38
CA VAL A 284 13.11 -4.17 -20.45
C VAL A 284 13.91 -4.85 -19.36
N ARG A 285 15.02 -5.51 -19.72
CA ARG A 285 15.79 -6.23 -18.72
C ARG A 285 16.37 -5.27 -17.66
N ARG A 286 16.92 -4.14 -18.10
CA ARG A 286 17.49 -3.20 -17.15
C ARG A 286 16.40 -2.51 -16.33
N THR A 287 15.28 -2.18 -16.97
CA THR A 287 14.14 -1.62 -16.26
C THR A 287 13.72 -2.53 -15.13
N VAL A 288 13.63 -3.83 -15.39
CA VAL A 288 13.36 -4.80 -14.34
C VAL A 288 14.47 -4.70 -13.30
N MET A 289 15.69 -5.13 -13.68
CA MET A 289 16.80 -5.25 -12.74
C MET A 289 17.04 -4.03 -11.87
N THR A 290 16.45 -2.88 -12.21
CA THR A 290 16.56 -1.69 -11.36
C THR A 290 15.21 -1.29 -10.77
N SER A 291 14.30 -0.77 -11.59
CA SER A 291 13.07 -0.21 -11.06
C SER A 291 12.15 -1.29 -10.51
N GLY A 292 12.16 -2.49 -11.08
CA GLY A 292 11.33 -3.55 -10.54
C GLY A 292 11.82 -4.00 -9.17
N ARG A 293 13.13 -4.03 -8.97
CA ARG A 293 13.67 -4.29 -7.65
C ARG A 293 13.27 -3.20 -6.66
N THR A 294 13.34 -1.94 -7.09
CA THR A 294 12.88 -0.85 -6.22
C THR A 294 11.41 -1.00 -5.88
N VAL A 295 10.59 -1.40 -6.85
CA VAL A 295 9.15 -1.54 -6.63
C VAL A 295 8.85 -2.69 -5.69
N VAL A 296 9.55 -3.81 -5.86
CA VAL A 296 9.37 -4.96 -4.97
C VAL A 296 9.78 -4.59 -3.55
N PHE A 297 10.86 -3.83 -3.41
CA PHE A 297 11.27 -3.40 -2.07
C PHE A 297 10.23 -2.47 -1.46
N SER A 298 9.63 -1.62 -2.29
CA SER A 298 8.60 -0.71 -1.83
C SER A 298 7.41 -1.53 -1.31
N ALA A 299 7.01 -2.54 -2.07
CA ALA A 299 5.90 -3.40 -1.67
C ALA A 299 6.21 -4.14 -0.38
N VAL A 300 7.45 -4.61 -0.24
CA VAL A 300 7.84 -5.31 0.99
C VAL A 300 7.79 -4.36 2.17
N ILE A 301 8.20 -3.11 1.97
CA ILE A 301 8.15 -2.13 3.05
C ILE A 301 6.70 -1.87 3.46
N ILE A 302 5.80 -1.72 2.49
CA ILE A 302 4.40 -1.48 2.82
C ILE A 302 3.81 -2.67 3.56
N VAL A 303 4.18 -3.89 3.14
CA VAL A 303 3.68 -5.08 3.82
C VAL A 303 4.22 -5.14 5.25
N ALA A 304 5.49 -4.75 5.43
CA ALA A 304 6.07 -4.77 6.77
C ALA A 304 5.45 -3.71 7.67
N SER A 305 4.95 -2.62 7.08
CA SER A 305 4.24 -1.62 7.86
C SER A 305 2.79 -1.98 8.11
N SER A 306 2.21 -2.86 7.29
CA SER A 306 0.80 -3.23 7.46
C SER A 306 0.61 -4.44 8.37
N VAL A 307 1.51 -5.41 8.29
CA VAL A 307 1.41 -6.67 9.03
C VAL A 307 1.20 -6.46 10.53
N PRO A 308 1.92 -5.55 11.21
CA PRO A 308 1.71 -5.37 12.66
C PRO A 308 0.27 -5.06 13.05
N LEU A 309 -0.57 -4.57 12.13
CA LEU A 309 -1.98 -4.38 12.42
C LEU A 309 -2.72 -5.68 12.67
N LEU A 310 -2.11 -6.82 12.35
CA LEU A 310 -2.71 -8.11 12.67
C LEU A 310 -2.59 -8.47 14.15
N LEU A 311 -1.83 -7.68 14.92
CA LEU A 311 -1.77 -7.91 16.36
C LEU A 311 -3.07 -7.54 17.04
N PHE A 312 -3.71 -6.45 16.62
CA PHE A 312 -4.96 -6.04 17.21
C PHE A 312 -6.07 -7.03 16.84
N PRO A 313 -6.94 -7.37 17.79
CA PRO A 313 -7.97 -8.38 17.51
C PRO A 313 -9.14 -7.88 16.69
N GLN A 314 -9.27 -6.57 16.46
CA GLN A 314 -10.37 -6.04 15.68
C GLN A 314 -10.30 -6.51 14.24
N GLY A 315 -11.26 -7.36 13.83
CA GLY A 315 -11.31 -7.84 12.47
C GLY A 315 -11.40 -6.73 11.44
N PHE A 316 -11.84 -5.55 11.86
CA PHE A 316 -11.78 -4.36 11.01
C PHE A 316 -10.35 -4.10 10.55
N LEU A 317 -9.42 -3.99 11.49
CA LEU A 317 -8.01 -3.77 11.15
C LEU A 317 -7.44 -4.96 10.39
N LYS A 318 -7.89 -6.18 10.69
CA LYS A 318 -7.36 -7.35 10.00
C LYS A 318 -7.76 -7.34 8.52
N SER A 319 -9.03 -7.08 8.24
CA SER A 319 -9.48 -6.99 6.85
C SER A 319 -8.83 -5.82 6.13
N ILE A 320 -8.60 -4.71 6.84
CA ILE A 320 -7.91 -3.58 6.21
C ILE A 320 -6.49 -3.98 5.84
N THR A 321 -5.79 -4.68 6.74
CA THR A 321 -4.44 -5.15 6.45
C THR A 321 -4.44 -6.10 5.25
N TYR A 322 -5.42 -7.00 5.20
CA TYR A 322 -5.53 -7.92 4.08
C TYR A 322 -5.69 -7.15 2.76
N ALA A 323 -6.57 -6.15 2.76
CA ALA A 323 -6.79 -5.35 1.56
C ALA A 323 -5.52 -4.62 1.14
N ILE A 324 -4.82 -4.02 2.11
CA ILE A 324 -3.59 -3.30 1.80
C ILE A 324 -2.56 -4.22 1.18
N ILE A 325 -2.33 -5.38 1.82
CA ILE A 325 -1.32 -6.31 1.33
C ILE A 325 -1.66 -6.79 -0.07
N ALA A 326 -2.91 -7.21 -0.27
CA ALA A 326 -3.34 -7.70 -1.58
C ALA A 326 -3.12 -6.65 -2.66
N SER A 327 -3.65 -5.44 -2.42
CA SER A 327 -3.53 -4.38 -3.41
C SER A 327 -2.07 -4.09 -3.74
N VAL A 328 -1.24 -3.95 -2.71
CA VAL A 328 0.15 -3.52 -2.93
C VAL A 328 0.93 -4.60 -3.68
N MET A 329 0.83 -5.85 -3.23
CA MET A 329 1.61 -6.90 -3.89
C MET A 329 1.10 -7.15 -5.31
N LEU A 330 -0.22 -7.07 -5.53
CA LEU A 330 -0.73 -7.23 -6.89
C LEU A 330 -0.26 -6.08 -7.78
N ALA A 331 -0.20 -4.86 -7.23
CA ALA A 331 0.31 -3.74 -8.01
C ALA A 331 1.76 -3.96 -8.41
N ALA A 332 2.58 -4.44 -7.48
CA ALA A 332 3.97 -4.73 -7.82
C ALA A 332 4.07 -5.79 -8.91
N ILE A 333 3.33 -6.89 -8.74
CA ILE A 333 3.35 -7.96 -9.74
C ILE A 333 2.95 -7.42 -11.11
N LEU A 334 1.83 -6.69 -11.16
CA LEU A 334 1.38 -6.14 -12.44
C LEU A 334 2.42 -5.20 -13.03
N SER A 335 3.10 -4.43 -12.19
CA SER A 335 4.10 -3.49 -12.69
C SER A 335 5.27 -4.23 -13.33
N ILE A 336 5.65 -5.38 -12.79
CA ILE A 336 6.80 -6.10 -13.41
C ILE A 336 6.32 -7.28 -14.23
N THR A 337 5.05 -7.31 -14.59
CA THR A 337 4.57 -8.36 -15.49
C THR A 337 3.68 -8.05 -16.69
N VAL A 338 2.56 -7.35 -16.44
CA VAL A 338 1.75 -6.81 -17.52
C VAL A 338 2.42 -5.60 -18.15
N LEU A 339 2.95 -4.71 -17.31
CA LEU A 339 3.55 -3.48 -17.83
C LEU A 339 4.86 -3.78 -18.54
N ALA A 340 5.70 -4.65 -17.97
CA ALA A 340 6.95 -5.01 -18.62
C ALA A 340 6.70 -5.65 -19.98
N ALA A 341 5.73 -6.57 -20.04
CA ALA A 341 5.44 -7.23 -21.32
C ALA A 341 4.81 -6.25 -22.31
N ALA A 342 3.98 -5.33 -21.82
CA ALA A 342 3.38 -4.34 -22.70
C ALA A 342 4.45 -3.41 -23.29
N LEU A 343 5.42 -3.00 -22.47
CA LEU A 343 6.53 -2.22 -23.00
C LEU A 343 7.36 -3.03 -23.98
N ALA A 344 7.60 -4.31 -23.68
CA ALA A 344 8.35 -5.15 -24.61
C ALA A 344 7.62 -5.32 -25.93
N ILE A 345 6.29 -5.31 -25.92
CA ILE A 345 5.51 -5.41 -27.15
C ILE A 345 5.56 -4.09 -27.92
N LEU A 346 5.30 -2.98 -27.23
CA LEU A 346 5.23 -1.69 -27.90
C LEU A 346 6.60 -1.24 -28.37
N GLY A 347 7.52 -0.99 -27.44
CA GLY A 347 8.83 -0.51 -27.78
C GLY A 347 8.87 1.01 -27.78
N PRO A 348 9.64 1.59 -28.71
CA PRO A 348 9.62 3.05 -28.88
C PRO A 348 8.26 3.56 -29.34
N ARG A 349 7.33 2.65 -29.62
CA ARG A 349 5.97 3.05 -29.97
C ARG A 349 5.22 3.69 -28.80
N VAL A 350 5.75 3.56 -27.57
CA VAL A 350 5.11 4.16 -26.41
C VAL A 350 5.13 5.68 -26.47
N ASP A 351 5.81 6.26 -27.46
CA ASP A 351 5.85 7.70 -27.67
C ASP A 351 5.21 8.11 -28.99
N ALA A 352 4.34 7.25 -29.55
CA ALA A 352 3.79 7.52 -30.88
C ALA A 352 2.77 8.66 -30.84
N LEU A 353 1.75 8.53 -30.00
CA LEU A 353 0.66 9.49 -29.95
C LEU A 353 1.05 10.63 -29.01
N GLY A 354 1.37 11.79 -29.58
CA GLY A 354 1.77 12.94 -28.80
C GLY A 354 0.58 13.71 -28.26
N VAL A 355 0.84 14.98 -27.93
CA VAL A 355 -0.21 15.83 -27.36
C VAL A 355 -1.30 16.12 -28.40
N THR A 356 -0.93 16.17 -29.68
CA THR A 356 -1.90 16.50 -30.72
C THR A 356 -2.92 15.40 -30.92
N THR A 357 -2.61 14.16 -30.55
CA THR A 357 -3.54 13.05 -30.77
C THR A 357 -4.79 13.17 -29.89
N LEU A 358 -4.66 13.80 -28.72
CA LEU A 358 -5.83 13.99 -27.87
C LEU A 358 -6.75 15.09 -28.39
N LEU A 359 -6.18 16.11 -29.03
CA LEU A 359 -6.97 17.23 -29.53
C LEU A 359 -7.27 17.07 -31.01
N PHE A 394 14.31 23.31 -11.65
CA PHE A 394 15.51 22.52 -11.38
C PHE A 394 15.66 22.27 -9.89
N TRP A 395 16.00 21.04 -9.52
CA TRP A 395 16.09 20.64 -8.13
C TRP A 395 17.49 20.85 -7.54
N GLY A 396 18.52 20.80 -8.39
CA GLY A 396 19.88 20.98 -7.89
C GLY A 396 20.12 22.36 -7.30
N ARG A 397 19.57 23.40 -7.95
CA ARG A 397 19.73 24.75 -7.43
C ARG A 397 19.11 24.87 -6.05
N LEU A 398 17.88 24.36 -5.89
CA LEU A 398 17.18 24.49 -4.62
C LEU A 398 17.81 23.63 -3.53
N VAL A 399 18.38 22.48 -3.89
CA VAL A 399 19.05 21.68 -2.87
C VAL A 399 20.39 22.31 -2.51
N ASN A 400 21.01 23.04 -3.43
CA ASN A 400 22.23 23.77 -3.10
C ASN A 400 21.94 25.01 -2.25
N VAL A 401 20.73 25.57 -2.37
CA VAL A 401 20.34 26.67 -1.49
C VAL A 401 20.37 26.22 -0.04
N VAL A 402 19.96 24.98 0.22
CA VAL A 402 20.03 24.43 1.57
C VAL A 402 21.44 24.01 1.95
N MET A 403 22.36 23.93 0.97
CA MET A 403 23.70 23.43 1.26
C MET A 403 24.52 24.44 2.05
N LYS A 404 24.41 25.73 1.72
CA LYS A 404 25.24 26.74 2.37
C LYS A 404 24.95 26.80 3.87
N ARG A 405 23.67 26.92 4.24
CA ARG A 405 23.27 27.10 5.64
C ARG A 405 22.23 26.03 6.00
N PRO A 406 22.67 24.90 6.58
CA PRO A 406 21.68 23.86 6.92
C PRO A 406 20.86 24.23 8.14
N ILE A 407 21.46 24.89 9.13
CA ILE A 407 20.73 25.26 10.34
C ILE A 407 19.65 26.29 10.02
N ALA A 408 19.83 27.06 8.94
CA ALA A 408 18.82 28.04 8.54
C ALA A 408 17.51 27.38 8.15
N PHE A 409 17.51 26.07 7.89
CA PHE A 409 16.31 25.32 7.54
C PHE A 409 15.98 24.15 8.45
N ALA A 410 16.97 23.59 9.15
CA ALA A 410 16.75 22.45 10.04
C ALA A 410 16.03 22.65 11.37
N ALA A 411 16.66 23.41 12.27
CA ALA A 411 16.01 23.75 13.54
C ALA A 411 14.72 24.57 13.38
N PRO A 412 14.65 25.58 12.52
CA PRO A 412 13.35 26.28 12.33
C PRO A 412 12.25 25.38 11.78
N ILE A 413 12.57 24.18 11.30
CA ILE A 413 11.56 23.22 10.88
C ILE A 413 11.29 22.18 11.95
N LEU A 414 12.32 21.74 12.67
CA LEU A 414 12.11 20.82 13.78
C LEU A 414 11.25 21.46 14.86
N VAL A 415 11.45 22.75 15.11
CA VAL A 415 10.63 23.43 16.11
C VAL A 415 9.18 23.52 15.64
N VAL A 416 8.96 23.75 14.34
CA VAL A 416 7.60 23.81 13.81
C VAL A 416 6.94 22.44 13.91
N MET A 417 7.71 21.36 13.68
CA MET A 417 7.12 20.03 13.75
C MET A 417 6.78 19.64 15.19
N VAL A 418 7.71 19.87 16.13
CA VAL A 418 7.39 19.61 17.53
C VAL A 418 6.35 20.58 18.06
N LEU A 419 6.08 21.67 17.35
CA LEU A 419 4.95 22.53 17.66
C LEU A 419 3.65 21.92 17.15
N LEU A 420 3.66 21.34 15.95
CA LEU A 420 2.48 20.66 15.44
C LEU A 420 2.20 19.37 16.21
N ILE A 421 3.16 18.87 16.97
CA ILE A 421 2.94 17.65 17.74
C ILE A 421 2.12 17.88 19.02
N ILE A 422 2.11 19.09 19.58
CA ILE A 422 1.46 19.28 20.88
C ILE A 422 -0.05 19.08 20.87
N PRO A 423 -0.80 19.35 19.78
CA PRO A 423 -2.22 18.99 19.80
C PRO A 423 -2.46 17.49 19.78
N LEU A 424 -1.48 16.70 19.35
CA LEU A 424 -1.62 15.24 19.35
C LEU A 424 -1.84 14.69 20.76
N GLY A 425 -1.35 15.41 21.78
CA GLY A 425 -1.47 14.89 23.13
C GLY A 425 -2.91 14.80 23.62
N GLN A 426 -3.73 15.77 23.25
CA GLN A 426 -5.11 15.84 23.76
C GLN A 426 -6.08 15.26 22.72
N LEU A 427 -5.96 13.96 22.50
CA LEU A 427 -6.87 13.23 21.63
C LEU A 427 -7.66 12.24 22.47
N SER A 428 -8.97 12.16 22.21
CA SER A 428 -9.87 11.24 22.89
C SER A 428 -10.38 10.20 21.91
N LEU A 429 -10.97 9.14 22.45
CA LEU A 429 -11.46 8.02 21.66
C LEU A 429 -12.90 7.71 22.05
N GLY A 430 -13.66 7.24 21.07
CA GLY A 430 -15.06 6.92 21.28
C GLY A 430 -15.54 5.93 20.25
N GLY A 431 -16.79 5.52 20.40
CA GLY A 431 -17.40 4.54 19.53
C GLY A 431 -18.08 5.18 18.33
N ILE A 432 -19.00 4.42 17.73
CA ILE A 432 -19.73 4.88 16.56
C ILE A 432 -21.04 5.50 17.01
N SER A 433 -21.30 6.72 16.57
CA SER A 433 -22.54 7.43 16.87
C SER A 433 -23.13 7.97 15.57
N GLU A 434 -24.31 8.58 15.69
CA GLU A 434 -24.93 9.23 14.54
C GLU A 434 -24.09 10.38 14.02
N LYS A 435 -23.18 10.91 14.84
CA LYS A 435 -22.37 12.07 14.47
C LYS A 435 -21.30 11.73 13.45
N TYR A 436 -21.05 10.45 13.17
CA TYR A 436 -20.10 10.09 12.12
C TYR A 436 -20.57 10.56 10.75
N LEU A 437 -21.86 10.84 10.61
CA LEU A 437 -22.44 11.45 9.42
C LEU A 437 -22.39 12.96 9.54
N PRO A 438 -22.51 13.68 8.41
CA PRO A 438 -22.50 15.14 8.48
C PRO A 438 -23.72 15.65 9.24
N PRO A 439 -23.63 16.84 9.86
CA PRO A 439 -24.74 17.33 10.68
C PRO A 439 -26.00 17.68 9.89
N ASP A 440 -25.94 17.71 8.56
CA ASP A 440 -27.11 17.96 7.74
C ASP A 440 -27.73 16.69 7.17
N ASN A 441 -27.18 15.52 7.53
CA ASN A 441 -27.72 14.26 7.04
C ASN A 441 -29.11 14.04 7.62
N ALA A 442 -30.05 13.63 6.76
CA ALA A 442 -31.44 13.52 7.17
C ALA A 442 -31.62 12.48 8.27
N VAL A 443 -30.86 11.38 8.22
CA VAL A 443 -31.02 10.32 9.20
C VAL A 443 -30.48 10.73 10.55
N ARG A 444 -29.32 11.41 10.57
CA ARG A 444 -28.79 11.90 11.83
C ARG A 444 -29.74 12.90 12.47
N GLN A 445 -30.32 13.79 11.66
CA GLN A 445 -31.26 14.76 12.20
C GLN A 445 -32.54 14.09 12.69
N SER A 446 -32.98 13.03 12.01
CA SER A 446 -34.13 12.27 12.49
C SER A 446 -33.84 11.62 13.83
N GLN A 447 -32.64 11.05 13.99
CA GLN A 447 -32.26 10.44 15.25
C GLN A 447 -32.17 11.48 16.37
N GLU A 448 -31.60 12.65 16.07
CA GLU A 448 -31.49 13.69 17.10
C GLU A 448 -32.86 14.25 17.46
N GLN A 449 -33.76 14.37 16.49
CA GLN A 449 -35.13 14.78 16.82
C GLN A 449 -35.85 13.71 17.62
N PHE A 450 -35.56 12.44 17.38
CA PHE A 450 -36.13 11.38 18.22
C PHE A 450 -35.64 11.52 19.65
N ASP A 451 -34.33 11.70 19.83
CA ASP A 451 -33.78 11.85 21.17
C ASP A 451 -34.22 13.15 21.84
N LYS A 452 -34.68 14.13 21.07
CA LYS A 452 -35.25 15.34 21.66
C LYS A 452 -36.71 15.13 22.06
N LEU A 453 -37.53 14.60 21.14
CA LEU A 453 -38.95 14.42 21.41
C LEU A 453 -39.20 13.29 22.40
N PHE A 454 -38.37 12.25 22.37
CA PHE A 454 -38.58 11.05 23.20
C PHE A 454 -37.28 10.73 23.94
N PRO A 455 -36.97 11.48 25.00
CA PRO A 455 -35.79 11.17 25.81
C PRO A 455 -36.06 10.00 26.75
N GLY A 456 -34.98 9.37 27.19
CA GLY A 456 -35.06 8.27 28.12
C GLY A 456 -35.24 6.90 27.50
N PHE A 457 -35.43 6.82 26.18
CA PHE A 457 -35.53 5.54 25.50
C PHE A 457 -34.19 5.03 25.02
N ARG A 458 -33.29 5.92 24.63
CA ARG A 458 -31.94 5.54 24.20
C ARG A 458 -31.06 5.34 25.43
N THR A 459 -30.61 4.12 25.64
CA THR A 459 -29.87 3.76 26.84
C THR A 459 -28.57 3.05 26.47
N GLU A 460 -27.60 3.13 27.36
CA GLU A 460 -26.34 2.41 27.26
C GLU A 460 -26.06 1.69 28.57
N PRO A 461 -26.93 0.77 28.98
CA PRO A 461 -26.79 0.19 30.33
C PRO A 461 -25.66 -0.81 30.39
N LEU A 462 -24.96 -0.81 31.53
CA LEU A 462 -24.01 -1.87 31.84
C LEU A 462 -24.76 -3.08 32.35
N THR A 463 -24.28 -4.27 31.97
CA THR A 463 -24.96 -5.53 32.27
C THR A 463 -24.04 -6.42 33.10
N LEU A 464 -24.56 -6.95 34.20
CA LEU A 464 -23.93 -8.02 34.95
C LEU A 464 -24.61 -9.32 34.53
N VAL A 465 -23.85 -10.20 33.87
CA VAL A 465 -24.32 -11.49 33.41
C VAL A 465 -23.77 -12.55 34.36
N MET A 466 -24.65 -13.37 34.93
CA MET A 466 -24.28 -14.39 35.89
C MET A 466 -24.59 -15.76 35.30
N LYS A 467 -23.55 -16.57 35.12
CA LYS A 467 -23.71 -17.95 34.69
C LYS A 467 -23.28 -18.87 35.83
N ARG A 468 -24.13 -19.85 36.14
CA ARG A 468 -23.82 -20.80 37.21
C ARG A 468 -23.06 -21.97 36.61
N GLU A 469 -21.82 -22.16 37.07
CA GLU A 469 -20.91 -23.12 36.45
C GLU A 469 -21.44 -24.55 36.56
N ASP A 470 -22.21 -24.85 37.61
CA ASP A 470 -22.69 -26.21 37.82
C ASP A 470 -23.82 -26.56 36.85
N GLY A 471 -24.75 -25.64 36.63
CA GLY A 471 -25.82 -25.83 35.67
C GLY A 471 -27.22 -25.79 36.24
N GLU A 472 -27.39 -25.70 37.55
CA GLU A 472 -28.72 -25.64 38.14
C GLU A 472 -29.24 -24.21 38.17
N PRO A 473 -30.57 -24.03 38.28
CA PRO A 473 -31.15 -22.67 38.28
C PRO A 473 -30.54 -21.73 39.31
N ILE A 474 -30.65 -20.43 39.05
CA ILE A 474 -30.14 -19.40 39.95
C ILE A 474 -31.28 -18.97 40.86
N THR A 475 -31.06 -19.05 42.17
CA THR A 475 -32.08 -18.65 43.13
C THR A 475 -32.07 -17.14 43.34
N ASP A 476 -33.19 -16.63 43.84
CA ASP A 476 -33.31 -15.19 44.07
C ASP A 476 -32.34 -14.69 45.12
N ALA A 477 -31.84 -15.57 45.99
CA ALA A 477 -30.87 -15.14 47.00
C ALA A 477 -29.56 -14.71 46.35
N GLN A 478 -29.10 -15.45 45.35
CA GLN A 478 -27.87 -15.07 44.66
C GLN A 478 -28.07 -13.80 43.84
N ILE A 479 -29.25 -13.65 43.23
CA ILE A 479 -29.56 -12.41 42.51
C ILE A 479 -29.53 -11.23 43.46
N ALA A 480 -30.08 -11.40 44.67
CA ALA A 480 -30.08 -10.30 45.64
C ALA A 480 -28.68 -10.00 46.15
N ASP A 481 -27.87 -11.04 46.34
CA ASP A 481 -26.48 -10.84 46.73
C ASP A 481 -25.74 -10.02 45.68
N MET A 482 -25.90 -10.35 44.40
CA MET A 482 -25.25 -9.60 43.35
C MET A 482 -25.80 -8.18 43.26
N ARG A 483 -27.11 -8.01 43.46
CA ARG A 483 -27.70 -6.67 43.45
C ARG A 483 -27.10 -5.80 44.55
N ALA A 484 -26.92 -6.37 45.75
CA ALA A 484 -26.33 -5.61 46.84
C ALA A 484 -24.87 -5.25 46.55
N LYS A 485 -24.08 -6.24 46.12
CA LYS A 485 -22.69 -5.98 45.81
C LYS A 485 -22.53 -5.01 44.65
N ALA A 486 -23.53 -4.89 43.78
CA ALA A 486 -23.49 -3.88 42.72
C ALA A 486 -23.92 -2.51 43.25
N LEU A 487 -24.92 -2.48 44.13
CA LEU A 487 -25.31 -1.23 44.77
C LEU A 487 -24.19 -0.66 45.62
N THR A 488 -23.20 -1.48 45.98
CA THR A 488 -21.98 -0.95 46.58
C THR A 488 -21.39 0.17 45.73
N VAL A 489 -21.34 -0.02 44.40
CA VAL A 489 -20.74 0.95 43.50
C VAL A 489 -21.67 2.15 43.33
N SER A 490 -21.08 3.33 43.16
CA SER A 490 -21.81 4.57 42.98
C SER A 490 -21.75 5.01 41.52
N GLY A 491 -22.54 6.04 41.21
CA GLY A 491 -22.56 6.62 39.88
C GLY A 491 -23.56 6.01 38.92
N PHE A 492 -24.36 5.05 39.37
CA PHE A 492 -25.35 4.42 38.52
C PHE A 492 -26.71 5.11 38.68
N THR A 493 -27.49 5.09 37.61
CA THR A 493 -28.74 5.85 37.56
C THR A 493 -29.79 5.25 38.48
N ASP A 494 -30.44 6.11 39.27
CA ASP A 494 -31.55 5.73 40.14
C ASP A 494 -32.69 6.66 39.83
N PRO A 495 -33.57 6.30 38.88
CA PRO A 495 -34.65 7.21 38.47
C PRO A 495 -35.58 7.61 39.61
N ASP A 496 -36.45 6.69 40.04
CA ASP A 496 -37.46 6.99 41.05
C ASP A 496 -36.93 6.92 42.48
N ASN A 497 -35.61 6.91 42.65
CA ASN A 497 -34.97 6.97 43.97
C ASN A 497 -35.45 5.84 44.87
N ASP A 498 -35.03 4.62 44.49
CA ASP A 498 -35.36 3.41 45.25
C ASP A 498 -34.23 2.44 45.02
N PRO A 499 -33.29 2.32 45.97
CA PRO A 499 -32.09 1.50 45.72
C PRO A 499 -32.39 0.03 45.48
N GLU A 500 -33.49 -0.49 46.03
CA GLU A 500 -33.90 -1.86 45.76
C GLU A 500 -34.73 -1.98 44.49
N LYS A 501 -34.68 -0.99 43.61
CA LYS A 501 -35.25 -1.10 42.27
C LYS A 501 -34.25 -0.80 41.16
N MET A 502 -33.04 -0.37 41.49
CA MET A 502 -31.97 -0.28 40.52
C MET A 502 -31.57 -1.69 40.07
N TRP A 503 -30.80 -1.74 38.98
CA TRP A 503 -30.28 -3.00 38.43
C TRP A 503 -31.41 -3.98 38.15
N LYS A 504 -32.44 -3.50 37.48
CA LYS A 504 -33.56 -4.36 37.12
C LYS A 504 -33.14 -5.42 36.11
N GLU A 505 -33.97 -6.45 35.99
CA GLU A 505 -33.63 -7.59 35.16
C GLU A 505 -33.81 -7.27 33.67
N ARG A 506 -32.91 -7.79 32.86
CA ARG A 506 -32.97 -7.57 31.42
C ARG A 506 -34.25 -8.22 30.85
N PRO A 507 -34.91 -7.57 29.89
CA PRO A 507 -36.11 -8.16 29.31
C PRO A 507 -35.79 -9.46 28.56
N ALA A 508 -36.83 -10.28 28.38
CA ALA A 508 -36.71 -11.56 27.72
C ALA A 508 -37.80 -11.83 26.68
N ASN A 509 -37.37 -12.04 25.43
CA ASN A 509 -38.26 -12.22 24.30
C ASN A 509 -37.95 -13.64 23.79
N ASP A 510 -38.57 -14.03 22.69
CA ASP A 510 -38.72 -15.42 22.26
C ASP A 510 -37.44 -16.01 21.67
N SER A 511 -36.46 -15.17 21.30
CA SER A 511 -35.21 -15.63 20.73
C SER A 511 -34.19 -16.05 21.79
N GLY A 512 -34.62 -16.26 23.02
CA GLY A 512 -33.72 -16.62 24.11
C GLY A 512 -34.10 -17.95 24.74
N SER A 513 -33.07 -18.71 25.14
CA SER A 513 -33.29 -20.02 25.73
C SER A 513 -33.92 -19.95 27.12
N LYS A 514 -33.75 -18.83 27.83
CA LYS A 514 -34.26 -18.67 29.19
C LYS A 514 -33.70 -19.74 30.12
N ASP A 515 -32.41 -20.03 29.96
CA ASP A 515 -31.71 -20.97 30.83
C ASP A 515 -31.69 -20.41 32.24
N PRO A 516 -32.25 -21.11 33.23
CA PRO A 516 -32.24 -20.60 34.61
C PRO A 516 -30.85 -20.52 35.22
N SER A 517 -29.83 -21.08 34.59
CA SER A 517 -28.47 -20.98 35.08
C SER A 517 -27.80 -19.66 34.69
N VAL A 518 -28.48 -18.81 33.93
CA VAL A 518 -27.94 -17.52 33.51
C VAL A 518 -28.98 -16.44 33.82
N ARG A 519 -28.55 -15.42 34.55
CA ARG A 519 -29.40 -14.28 34.90
C ARG A 519 -28.62 -12.99 34.64
N VAL A 520 -29.28 -12.02 34.01
CA VAL A 520 -28.64 -10.76 33.65
C VAL A 520 -29.38 -9.62 34.33
N ILE A 521 -28.66 -8.82 35.09
CA ILE A 521 -29.15 -7.55 35.59
C ILE A 521 -28.43 -6.43 34.83
N GLN A 522 -29.00 -5.23 34.86
CA GLN A 522 -28.40 -4.15 34.11
C GLN A 522 -28.92 -2.81 34.62
N ASN A 523 -28.11 -1.77 34.39
CA ASN A 523 -28.49 -0.41 34.73
C ASN A 523 -27.58 0.56 34.00
N GLY A 524 -28.15 1.70 33.62
CA GLY A 524 -27.40 2.72 32.91
C GLY A 524 -26.42 3.45 33.78
N LEU A 525 -25.72 4.41 33.15
CA LEU A 525 -24.70 5.20 33.82
C LEU A 525 -25.11 6.66 33.83
N GLU A 526 -24.89 7.33 34.97
CA GLU A 526 -25.18 8.75 35.07
C GLU A 526 -24.21 9.56 34.20
N ASN A 527 -22.92 9.24 34.27
CA ASN A 527 -21.91 9.83 33.42
C ASN A 527 -21.24 8.71 32.62
N ARG A 528 -21.22 8.86 31.30
CA ARG A 528 -20.60 7.82 30.46
C ARG A 528 -19.09 7.78 30.65
N ASN A 529 -18.45 8.92 30.87
CA ASN A 529 -17.00 8.99 31.02
C ASN A 529 -16.50 8.24 32.25
N ASP A 530 -17.38 7.74 33.11
CA ASP A 530 -16.99 6.94 34.26
C ASP A 530 -17.06 5.44 33.98
N ALA A 531 -17.54 5.04 32.80
CA ALA A 531 -17.73 3.62 32.51
C ALA A 531 -16.44 2.83 32.72
N ALA A 532 -15.35 3.27 32.09
CA ALA A 532 -14.08 2.57 32.19
C ALA A 532 -13.65 2.36 33.64
N LYS A 533 -14.11 3.24 34.54
CA LYS A 533 -13.85 3.03 35.96
C LYS A 533 -14.86 2.07 36.57
N LYS A 534 -16.16 2.34 36.36
CA LYS A 534 -17.21 1.53 36.99
C LYS A 534 -17.12 0.09 36.55
N ILE A 535 -16.83 -0.14 35.26
CA ILE A 535 -16.57 -1.49 34.78
C ILE A 535 -15.44 -2.12 35.59
N ASP A 536 -14.30 -1.42 35.68
CA ASP A 536 -13.19 -1.90 36.49
C ASP A 536 -13.57 -2.08 37.95
N GLU A 537 -14.64 -1.42 38.39
CA GLU A 537 -15.18 -1.70 39.72
C GLU A 537 -16.08 -2.93 39.69
N LEU A 538 -17.01 -3.00 38.72
CA LEU A 538 -17.95 -4.11 38.66
C LEU A 538 -17.26 -5.44 38.41
N ARG A 539 -16.03 -5.43 37.90
CA ARG A 539 -15.26 -6.65 37.70
C ARG A 539 -14.39 -7.01 38.90
N ALA A 540 -14.19 -6.08 39.83
CA ALA A 540 -13.51 -6.39 41.08
C ALA A 540 -14.44 -6.95 42.14
N LEU A 541 -15.74 -6.80 41.96
CA LEU A 541 -16.71 -7.37 42.90
C LEU A 541 -16.57 -8.88 42.98
N GLN A 542 -16.65 -9.40 44.19
CA GLN A 542 -16.52 -10.84 44.40
C GLN A 542 -17.84 -11.52 44.09
N PRO A 543 -17.87 -12.48 43.18
CA PRO A 543 -19.14 -13.10 42.78
C PRO A 543 -19.68 -13.99 43.88
N PRO A 544 -20.98 -14.30 43.85
CA PRO A 544 -21.50 -15.34 44.75
C PRO A 544 -20.82 -16.67 44.47
N HIS A 545 -20.83 -17.53 45.49
CA HIS A 545 -20.10 -18.79 45.40
C HIS A 545 -20.65 -19.65 44.26
N GLY A 546 -19.76 -20.03 43.34
CA GLY A 546 -20.16 -20.86 42.22
C GLY A 546 -20.81 -20.13 41.07
N ILE A 547 -20.64 -18.81 40.98
CA ILE A 547 -21.26 -18.00 39.96
C ILE A 547 -20.18 -17.21 39.22
N GLU A 548 -20.27 -17.17 37.90
CA GLU A 548 -19.34 -16.46 37.04
C GLU A 548 -20.00 -15.18 36.55
N VAL A 549 -19.30 -14.06 36.69
CA VAL A 549 -19.85 -12.74 36.38
C VAL A 549 -19.12 -12.15 35.18
N PHE A 550 -19.89 -11.60 34.25
CA PHE A 550 -19.37 -10.93 33.06
C PHE A 550 -19.97 -9.54 32.99
N VAL A 551 -19.11 -8.53 32.86
CA VAL A 551 -19.53 -7.14 32.77
C VAL A 551 -19.57 -6.76 31.30
N GLY A 552 -20.76 -6.57 30.75
CA GLY A 552 -20.91 -6.25 29.36
C GLY A 552 -21.81 -5.06 29.10
N GLY A 553 -22.19 -4.87 27.84
CA GLY A 553 -22.93 -3.71 27.42
C GLY A 553 -22.11 -2.83 26.49
N THR A 554 -22.82 -1.97 25.76
CA THR A 554 -22.16 -1.08 24.80
C THR A 554 -20.97 -0.32 25.37
N PRO A 555 -21.08 0.34 26.54
CA PRO A 555 -19.88 0.97 27.10
C PRO A 555 -18.78 -0.03 27.41
N ALA A 556 -19.14 -1.20 27.95
CA ALA A 556 -18.13 -2.22 28.24
C ALA A 556 -17.46 -2.72 26.97
N LEU A 557 -18.25 -2.95 25.92
CA LEU A 557 -17.68 -3.35 24.63
C LEU A 557 -16.66 -2.32 24.15
N GLU A 558 -17.07 -1.06 24.11
CA GLU A 558 -16.17 -0.01 23.62
C GLU A 558 -14.90 0.09 24.46
N GLN A 559 -15.05 0.07 25.78
CA GLN A 559 -13.91 0.27 26.66
C GLN A 559 -12.96 -0.92 26.61
N ASP A 560 -13.49 -2.14 26.50
CA ASP A 560 -12.62 -3.31 26.39
C ASP A 560 -11.89 -3.32 25.04
N SER A 561 -12.56 -2.89 23.98
CA SER A 561 -11.87 -2.76 22.69
C SER A 561 -10.71 -1.78 22.79
N ILE A 562 -10.96 -0.61 23.39
CA ILE A 562 -9.91 0.40 23.53
C ILE A 562 -8.79 -0.13 24.41
N HIS A 563 -9.12 -0.90 25.46
CA HIS A 563 -8.10 -1.45 26.33
C HIS A 563 -7.21 -2.44 25.59
N SER A 564 -7.82 -3.31 24.77
CA SER A 564 -7.02 -4.22 23.96
C SER A 564 -6.10 -3.45 23.01
N LEU A 565 -6.64 -2.42 22.37
CA LEU A 565 -5.85 -1.59 21.47
C LEU A 565 -4.62 -1.02 22.17
N PHE A 566 -4.82 -0.39 23.33
CA PHE A 566 -3.70 0.21 24.05
C PHE A 566 -2.76 -0.83 24.62
N ASP A 567 -3.27 -2.01 24.99
CA ASP A 567 -2.40 -3.06 25.51
C ASP A 567 -1.46 -3.57 24.42
N LYS A 568 -1.95 -3.66 23.19
CA LYS A 568 -1.14 -4.23 22.11
C LYS A 568 -0.38 -3.19 21.29
N LEU A 569 -0.65 -1.89 21.49
CA LEU A 569 0.01 -0.87 20.69
C LEU A 569 1.53 -0.86 20.81
N PRO A 570 2.15 -0.88 22.00
CA PRO A 570 3.61 -0.75 22.06
C PRO A 570 4.35 -1.86 21.34
N LEU A 571 3.88 -3.10 21.45
CA LEU A 571 4.50 -4.20 20.72
C LEU A 571 4.39 -3.99 19.21
N MET A 572 3.24 -3.48 18.75
CA MET A 572 3.08 -3.17 17.33
C MET A 572 4.09 -2.13 16.89
N ALA A 573 4.24 -1.06 17.67
CA ALA A 573 5.17 0.00 17.31
C ALA A 573 6.61 -0.52 17.29
N LEU A 574 6.96 -1.36 18.26
CA LEU A 574 8.31 -1.93 18.30
C LEU A 574 8.56 -2.80 17.08
N ILE A 575 7.61 -3.68 16.73
CA ILE A 575 7.77 -4.51 15.55
C ILE A 575 7.91 -3.66 14.30
N LEU A 576 7.06 -2.64 14.17
CA LEU A 576 7.11 -1.73 13.03
C LEU A 576 8.49 -1.11 12.89
N ILE A 577 8.97 -0.46 13.95
CA ILE A 577 10.23 0.26 13.89
C ILE A 577 11.38 -0.70 13.62
N VAL A 578 11.39 -1.85 14.31
CA VAL A 578 12.51 -2.79 14.16
C VAL A 578 12.55 -3.35 12.75
N THR A 579 11.41 -3.80 12.22
CA THR A 579 11.40 -4.40 10.89
C THR A 579 11.75 -3.37 9.82
N THR A 580 11.18 -2.15 9.91
CA THR A 580 11.51 -1.13 8.92
C THR A 580 12.98 -0.73 9.01
N THR A 581 13.53 -0.64 10.23
CA THR A 581 14.92 -0.27 10.37
C THR A 581 15.85 -1.37 9.88
N VAL A 582 15.44 -2.64 10.00
CA VAL A 582 16.26 -3.72 9.46
C VAL A 582 16.22 -3.71 7.93
N LEU A 583 15.04 -3.45 7.36
CA LEU A 583 14.96 -3.34 5.90
C LEU A 583 15.77 -2.15 5.39
N MET A 584 15.84 -1.07 6.18
CA MET A 584 16.70 0.05 5.79
C MET A 584 18.17 -0.27 6.00
N PHE A 585 18.51 -1.10 7.00
CA PHE A 585 19.85 -1.65 7.09
C PHE A 585 20.22 -2.41 5.81
N LEU A 586 19.26 -3.16 5.27
CA LEU A 586 19.51 -3.91 4.05
C LEU A 586 19.68 -3.00 2.84
N ALA A 587 18.76 -2.04 2.67
CA ALA A 587 18.75 -1.22 1.47
C ALA A 587 19.84 -0.15 1.47
N PHE A 588 20.20 0.38 2.64
CA PHE A 588 21.13 1.51 2.70
C PHE A 588 22.57 1.04 2.68
N GLY A 589 22.90 0.04 3.48
CA GLY A 589 24.30 -0.25 3.74
C GLY A 589 24.89 0.75 4.71
N SER A 590 24.12 1.15 5.71
CA SER A 590 24.56 2.17 6.67
C SER A 590 23.80 1.96 7.97
N VAL A 591 24.30 2.62 9.03
CA VAL A 591 23.68 2.55 10.34
C VAL A 591 23.12 3.91 10.76
N VAL A 592 23.80 4.99 10.40
CA VAL A 592 23.32 6.33 10.72
C VAL A 592 21.99 6.61 10.02
N LEU A 593 21.92 6.28 8.72
CA LEU A 593 20.74 6.60 7.92
C LEU A 593 19.48 5.89 8.36
N PRO A 594 19.49 4.60 8.73
CA PRO A 594 18.25 3.99 9.24
C PRO A 594 17.69 4.68 10.47
N ILE A 595 18.53 4.96 11.47
CA ILE A 595 18.04 5.62 12.68
C ILE A 595 17.59 7.04 12.36
N LYS A 596 18.30 7.73 11.48
CA LYS A 596 17.90 9.08 11.09
C LYS A 596 16.52 9.07 10.44
N ALA A 597 16.32 8.18 9.46
CA ALA A 597 15.03 8.09 8.80
C ALA A 597 13.94 7.62 9.76
N ALA A 598 14.30 6.82 10.76
CA ALA A 598 13.31 6.41 11.76
C ALA A 598 12.83 7.60 12.56
N LEU A 599 13.76 8.45 13.02
CA LEU A 599 13.36 9.66 13.74
C LEU A 599 12.57 10.60 12.83
N MET A 600 12.95 10.68 11.55
CA MET A 600 12.22 11.52 10.60
C MET A 600 10.77 11.04 10.47
N SER A 601 10.59 9.73 10.28
CA SER A 601 9.24 9.18 10.15
C SER A 601 8.44 9.34 11.44
N ALA A 602 9.10 9.21 12.59
CA ALA A 602 8.41 9.42 13.86
C ALA A 602 7.93 10.86 13.98
N LEU A 603 8.78 11.83 13.63
CA LEU A 603 8.35 13.23 13.70
C LEU A 603 7.23 13.51 12.71
N THR A 604 7.32 12.95 11.50
CA THR A 604 6.26 13.15 10.51
C THR A 604 4.94 12.57 11.00
N LEU A 605 4.98 11.36 11.54
CA LEU A 605 3.76 10.74 12.07
C LEU A 605 3.17 11.56 13.21
N GLY A 606 4.02 11.99 14.15
CA GLY A 606 3.52 12.79 15.26
C GLY A 606 2.90 14.10 14.81
N SER A 607 3.55 14.79 13.88
CA SER A 607 3.03 16.07 13.39
C SER A 607 1.71 15.88 12.63
N THR A 608 1.64 14.85 11.79
CA THR A 608 0.42 14.59 11.03
C THR A 608 -0.73 14.25 11.97
N MET A 609 -0.48 13.40 12.97
CA MET A 609 -1.53 13.06 13.92
C MET A 609 -1.91 14.24 14.79
N GLY A 610 -0.97 15.14 15.09
CA GLY A 610 -1.31 16.36 15.80
C GLY A 610 -2.23 17.26 14.98
N ILE A 611 -1.93 17.42 13.70
CA ILE A 611 -2.80 18.20 12.83
C ILE A 611 -4.17 17.53 12.72
N LEU A 612 -4.19 16.19 12.71
CA LEU A 612 -5.46 15.48 12.65
C LEU A 612 -6.28 15.71 13.92
N THR A 613 -5.64 15.67 15.08
CA THR A 613 -6.34 15.98 16.33
C THR A 613 -6.85 17.41 16.33
N TRP A 614 -6.04 18.34 15.83
CA TRP A 614 -6.45 19.74 15.74
C TRP A 614 -7.63 19.91 14.78
N MET A 615 -7.72 19.06 13.75
CA MET A 615 -8.76 19.21 12.74
C MET A 615 -10.08 18.56 13.16
N PHE A 616 -10.01 17.36 13.73
CA PHE A 616 -11.21 16.57 13.97
C PHE A 616 -11.67 16.54 15.43
N VAL A 617 -10.77 16.77 16.38
CA VAL A 617 -11.15 16.85 17.79
C VAL A 617 -11.43 18.28 18.21
N ASP A 618 -10.47 19.18 17.97
CA ASP A 618 -10.66 20.58 18.26
C ASP A 618 -11.52 21.30 17.22
N GLY A 619 -11.90 20.62 16.15
CA GLY A 619 -12.94 21.10 15.25
C GLY A 619 -12.49 22.12 14.24
N HIS A 620 -11.19 22.31 14.05
CA HIS A 620 -10.72 23.30 13.09
C HIS A 620 -10.82 22.74 11.68
N GLY A 621 -11.45 23.51 10.79
CA GLY A 621 -11.74 23.04 9.44
C GLY A 621 -13.06 22.30 9.31
N SER A 622 -13.84 22.19 10.38
CA SER A 622 -15.09 21.46 10.32
C SER A 622 -16.15 22.24 9.55
N GLY A 623 -16.17 23.56 9.71
CA GLY A 623 -17.18 24.36 9.03
C GLY A 623 -17.10 24.27 7.52
N LEU A 624 -15.87 24.23 6.99
CA LEU A 624 -15.71 24.12 5.54
C LEU A 624 -15.95 22.70 5.04
N MET A 625 -15.61 21.69 5.84
CA MET A 625 -15.72 20.30 5.43
C MET A 625 -17.02 19.64 5.87
N ASN A 626 -17.81 20.30 6.72
CA ASN A 626 -19.13 19.83 7.15
C ASN A 626 -19.04 18.46 7.84
N TYR A 627 -18.43 18.49 9.03
CA TYR A 627 -18.42 17.34 9.91
C TYR A 627 -18.51 17.81 11.35
N THR A 628 -18.82 16.87 12.25
CA THR A 628 -18.97 17.24 13.64
C THR A 628 -17.74 16.83 14.43
N PRO A 629 -17.13 17.73 15.19
CA PRO A 629 -15.95 17.38 15.99
C PRO A 629 -16.32 16.39 17.09
N GLN A 630 -15.53 15.33 17.19
CA GLN A 630 -15.82 14.24 18.14
C GLN A 630 -14.59 13.36 18.30
N PRO A 631 -14.55 12.50 19.33
CA PRO A 631 -13.43 11.56 19.44
C PRO A 631 -13.34 10.64 18.23
N LEU A 632 -12.12 10.19 17.95
CA LEU A 632 -11.85 9.36 16.79
C LEU A 632 -12.16 7.89 17.10
N MET A 633 -12.43 7.13 16.04
CA MET A 633 -12.58 5.70 16.18
C MET A 633 -11.25 5.09 16.62
N ALA A 634 -11.31 4.23 17.64
CA ALA A 634 -10.08 3.73 18.27
C ALA A 634 -9.16 3.00 17.30
N PRO A 635 -9.61 1.99 16.53
CA PRO A 635 -8.66 1.30 15.63
C PRO A 635 -8.09 2.19 14.54
N MET A 636 -8.78 3.29 14.20
CA MET A 636 -8.23 4.23 13.24
C MET A 636 -6.89 4.78 13.68
N ILE A 637 -6.61 4.81 14.98
CA ILE A 637 -5.31 5.30 15.44
C ILE A 637 -4.20 4.35 15.00
N GLY A 638 -4.41 3.04 15.13
CA GLY A 638 -3.40 2.09 14.67
C GLY A 638 -3.31 2.06 13.16
N LEU A 639 -4.45 2.15 12.48
CA LEU A 639 -4.45 2.22 11.03
C LEU A 639 -3.64 3.41 10.53
N ILE A 640 -3.87 4.59 11.10
CA ILE A 640 -3.19 5.79 10.64
C ILE A 640 -1.72 5.74 10.99
N ILE A 641 -1.37 5.18 12.16
CA ILE A 641 0.04 4.98 12.50
C ILE A 641 0.72 4.14 11.43
N ALA A 642 0.16 2.97 11.14
CA ALA A 642 0.79 2.07 10.17
C ALA A 642 0.91 2.72 8.80
N VAL A 643 -0.17 3.35 8.33
CA VAL A 643 -0.19 3.89 6.98
C VAL A 643 0.82 5.03 6.85
N ILE A 644 0.81 5.97 7.80
CA ILE A 644 1.70 7.12 7.71
C ILE A 644 3.15 6.68 7.85
N TRP A 645 3.43 5.73 8.75
CA TRP A 645 4.80 5.24 8.89
C TRP A 645 5.27 4.58 7.60
N GLY A 646 4.43 3.75 6.99
CA GLY A 646 4.81 3.12 5.74
C GLY A 646 5.07 4.14 4.64
N LEU A 647 4.21 5.16 4.54
CA LEU A 647 4.39 6.20 3.53
C LEU A 647 5.74 6.91 3.71
N SER A 648 6.00 7.38 4.93
CA SER A 648 7.23 8.11 5.20
C SER A 648 8.45 7.25 4.93
N THR A 649 8.43 5.99 5.40
CA THR A 649 9.58 5.11 5.20
C THR A 649 9.80 4.81 3.74
N ASP A 650 8.73 4.57 2.98
CA ASP A 650 8.85 4.28 1.55
C ASP A 650 9.50 5.45 0.82
N TYR A 651 8.99 6.67 1.04
CA TYR A 651 9.56 7.81 0.34
C TYR A 651 11.01 8.06 0.75
N GLU A 652 11.31 7.95 2.05
CA GLU A 652 12.68 8.17 2.50
C GLU A 652 13.63 7.16 1.90
N VAL A 653 13.23 5.88 1.82
CA VAL A 653 14.07 4.86 1.23
C VAL A 653 14.32 5.15 -0.23
N PHE A 654 13.24 5.38 -1.00
CA PHE A 654 13.39 5.60 -2.43
C PHE A 654 14.28 6.80 -2.72
N LEU A 655 14.20 7.83 -1.88
CA LEU A 655 15.05 9.00 -2.09
C LEU A 655 16.50 8.71 -1.71
N VAL A 656 16.74 8.27 -0.47
CA VAL A 656 18.09 8.18 0.04
C VAL A 656 18.91 7.13 -0.70
N SER A 657 18.25 6.11 -1.26
CA SER A 657 18.98 5.11 -2.03
C SER A 657 19.69 5.72 -3.24
N ARG A 658 19.12 6.76 -3.84
CA ARG A 658 19.73 7.37 -5.01
C ARG A 658 21.02 8.11 -4.69
N MET A 659 21.12 8.65 -3.47
CA MET A 659 22.37 9.32 -3.07
C MET A 659 23.39 8.34 -2.52
N VAL A 660 22.92 7.26 -1.88
CA VAL A 660 23.83 6.15 -1.57
C VAL A 660 24.43 5.59 -2.85
N GLU A 661 23.66 5.57 -3.94
CA GLU A 661 24.20 5.21 -5.25
C GLU A 661 25.40 6.07 -5.62
N ALA A 662 25.27 7.39 -5.44
CA ALA A 662 26.34 8.29 -5.81
C ALA A 662 27.57 8.10 -4.92
N ARG A 663 27.35 7.93 -3.61
CA ARG A 663 28.51 7.69 -2.76
C ARG A 663 29.15 6.33 -3.07
N GLU A 664 28.38 5.38 -3.59
CA GLU A 664 28.96 4.12 -4.04
C GLU A 664 29.79 4.32 -5.29
N ARG A 665 29.32 5.16 -6.22
CA ARG A 665 30.13 5.51 -7.38
C ARG A 665 31.42 6.20 -6.97
N GLY A 666 31.39 6.96 -5.88
CA GLY A 666 32.56 7.68 -5.41
C GLY A 666 32.31 9.17 -5.29
N MET A 667 31.08 9.59 -5.59
CA MET A 667 30.73 11.01 -5.56
C MET A 667 30.88 11.57 -4.16
N SER A 668 31.14 12.87 -4.10
CA SER A 668 31.26 13.52 -2.80
C SER A 668 29.89 13.70 -2.16
N THR A 669 29.91 13.83 -0.83
CA THR A 669 28.68 13.92 -0.05
C THR A 669 27.78 15.05 -0.53
N ALA A 670 28.31 16.27 -0.48
CA ALA A 670 27.55 17.49 -0.75
C ALA A 670 26.98 17.53 -2.16
N GLU A 671 27.41 16.66 -3.06
CA GLU A 671 26.79 16.54 -4.37
C GLU A 671 26.21 15.16 -4.64
N ALA A 672 26.55 14.14 -3.84
CA ALA A 672 25.76 12.92 -3.88
C ALA A 672 24.32 13.19 -3.47
N ILE A 673 24.15 14.02 -2.44
CA ILE A 673 22.81 14.45 -2.04
C ILE A 673 22.07 15.10 -3.22
N ARG A 674 22.77 15.99 -3.94
CA ARG A 674 22.15 16.68 -5.06
C ARG A 674 21.82 15.71 -6.19
N ILE A 675 22.72 14.77 -6.49
CA ILE A 675 22.45 13.76 -7.52
C ILE A 675 21.15 13.03 -7.21
N GLY A 676 21.06 12.50 -5.99
CA GLY A 676 19.85 11.75 -5.61
C GLY A 676 18.60 12.61 -5.69
N THR A 677 18.63 13.78 -5.05
CA THR A 677 17.43 14.61 -4.99
C THR A 677 16.98 15.05 -6.38
N ALA A 678 17.93 15.43 -7.25
CA ALA A 678 17.58 15.90 -8.57
C ALA A 678 17.11 14.77 -9.48
N THR A 679 17.66 13.57 -9.31
CA THR A 679 17.16 12.45 -10.09
C THR A 679 15.77 12.03 -9.64
N THR A 680 15.44 12.24 -8.36
CA THR A 680 14.13 11.83 -7.87
C THR A 680 13.02 12.87 -8.00
N GLY A 681 13.39 14.14 -8.02
CA GLY A 681 12.42 15.25 -8.07
C GLY A 681 11.15 15.05 -8.87
N ARG A 682 11.25 14.96 -10.19
CA ARG A 682 10.06 14.97 -11.04
C ARG A 682 9.20 13.73 -10.78
N LEU A 683 9.82 12.55 -10.70
CA LEU A 683 9.06 11.33 -10.44
C LEU A 683 8.37 11.37 -9.08
N ILE A 684 9.11 11.83 -8.06
CA ILE A 684 8.54 11.91 -6.71
C ILE A 684 7.37 12.88 -6.69
N THR A 685 7.51 14.04 -7.35
CA THR A 685 6.43 15.01 -7.35
C THR A 685 5.22 14.50 -8.11
N GLY A 686 5.43 13.80 -9.23
CA GLY A 686 4.29 13.26 -9.96
C GLY A 686 3.56 12.17 -9.18
N ALA A 687 4.31 11.28 -8.53
CA ALA A 687 3.69 10.24 -7.72
C ALA A 687 2.93 10.83 -6.55
N ALA A 688 3.53 11.80 -5.86
CA ALA A 688 2.84 12.47 -4.76
C ALA A 688 1.59 13.18 -5.26
N LEU A 689 1.66 13.77 -6.46
CA LEU A 689 0.50 14.46 -7.01
C LEU A 689 -0.65 13.50 -7.28
N ILE A 690 -0.34 12.34 -7.88
CA ILE A 690 -1.40 11.36 -8.15
C ILE A 690 -2.01 10.85 -6.85
N LEU A 691 -1.16 10.54 -5.87
CA LEU A 691 -1.67 10.07 -4.59
C LEU A 691 -2.52 11.13 -3.91
N ALA A 692 -2.10 12.40 -4.02
CA ALA A 692 -2.86 13.49 -3.44
C ALA A 692 -4.21 13.66 -4.13
N VAL A 693 -4.24 13.49 -5.45
CA VAL A 693 -5.51 13.51 -6.18
C VAL A 693 -6.45 12.45 -5.63
N VAL A 694 -5.96 11.22 -5.53
CA VAL A 694 -6.84 10.13 -5.09
C VAL A 694 -7.28 10.32 -3.64
N ALA A 695 -6.42 10.89 -2.79
CA ALA A 695 -6.78 11.07 -1.39
C ALA A 695 -7.76 12.24 -1.21
N GLY A 696 -7.55 13.33 -1.95
CA GLY A 696 -8.48 14.44 -1.90
C GLY A 696 -9.83 14.08 -2.49
N ALA A 697 -9.87 13.10 -3.40
CA ALA A 697 -11.14 12.58 -3.86
C ALA A 697 -11.96 11.97 -2.73
N PHE A 698 -11.30 11.50 -1.67
CA PHE A 698 -11.97 10.88 -0.54
C PHE A 698 -12.13 11.79 0.67
N VAL A 699 -11.33 12.85 0.77
CA VAL A 699 -11.50 13.78 1.90
C VAL A 699 -12.90 14.37 1.96
N PHE A 700 -13.65 14.34 0.87
CA PHE A 700 -15.00 14.87 0.81
C PHE A 700 -16.06 13.85 1.24
N SER A 701 -15.66 12.79 1.92
CA SER A 701 -16.60 11.74 2.29
C SER A 701 -17.59 12.23 3.33
N ASP A 702 -18.73 11.54 3.39
CA ASP A 702 -19.73 11.76 4.43
C ASP A 702 -19.51 10.87 5.65
N LEU A 703 -18.36 10.22 5.74
CA LEU A 703 -17.99 9.39 6.86
C LEU A 703 -16.75 9.99 7.51
N VAL A 704 -16.86 10.37 8.79
CA VAL A 704 -15.79 11.12 9.43
C VAL A 704 -14.51 10.30 9.52
N MET A 705 -14.63 8.97 9.59
CA MET A 705 -13.43 8.14 9.58
C MET A 705 -12.73 8.18 8.23
N MET A 706 -13.51 8.17 7.14
CA MET A 706 -12.92 8.26 5.82
C MET A 706 -12.21 9.59 5.63
N LYS A 707 -12.85 10.68 6.07
CA LYS A 707 -12.21 11.99 5.99
C LYS A 707 -10.95 12.03 6.84
N TYR A 708 -10.99 11.43 8.03
CA TYR A 708 -9.82 11.37 8.88
C TYR A 708 -8.66 10.67 8.18
N LEU A 709 -8.91 9.49 7.63
CA LEU A 709 -7.86 8.73 6.94
C LEU A 709 -7.32 9.51 5.75
N ALA A 710 -8.20 10.05 4.91
CA ALA A 710 -7.76 10.73 3.70
C ALA A 710 -7.00 12.00 4.02
N PHE A 711 -7.45 12.76 5.03
CA PHE A 711 -6.75 13.99 5.41
C PHE A 711 -5.40 13.68 6.04
N GLY A 712 -5.32 12.62 6.86
CA GLY A 712 -4.02 12.22 7.38
C GLY A 712 -3.06 11.82 6.28
N LEU A 713 -3.56 11.07 5.29
CA LEU A 713 -2.72 10.72 4.14
C LEU A 713 -2.25 11.96 3.39
N LEU A 714 -3.16 12.91 3.16
CA LEU A 714 -2.78 14.13 2.45
C LEU A 714 -1.73 14.92 3.23
N ILE A 715 -1.91 15.05 4.54
CA ILE A 715 -0.97 15.82 5.35
C ILE A 715 0.41 15.16 5.34
N ALA A 716 0.46 13.85 5.59
CA ALA A 716 1.73 13.16 5.58
C ALA A 716 2.40 13.23 4.22
N LEU A 717 1.61 13.11 3.14
CA LEU A 717 2.17 13.11 1.79
C LEU A 717 2.73 14.47 1.43
N LEU A 718 1.99 15.54 1.71
CA LEU A 718 2.49 16.88 1.41
C LEU A 718 3.60 17.30 2.37
N LEU A 719 3.71 16.68 3.53
CA LEU A 719 4.86 16.93 4.40
C LEU A 719 6.11 16.23 3.88
N ASP A 720 5.94 15.01 3.34
CA ASP A 720 7.10 14.26 2.88
C ASP A 720 7.57 14.73 1.50
N ALA A 721 6.65 15.14 0.63
CA ALA A 721 7.04 15.56 -0.71
C ALA A 721 7.67 16.95 -0.73
N THR A 722 7.62 17.67 0.39
CA THR A 722 8.17 19.05 0.39
C THR A 722 9.09 19.33 1.59
N ILE A 723 8.53 19.44 2.79
CA ILE A 723 9.32 19.82 3.96
C ILE A 723 10.37 18.75 4.29
N ILE A 724 9.96 17.48 4.26
CA ILE A 724 10.90 16.40 4.59
C ILE A 724 11.96 16.27 3.51
N ARG A 725 11.53 15.97 2.28
CA ARG A 725 12.47 15.60 1.23
C ARG A 725 13.32 16.79 0.78
N MET A 726 12.70 17.94 0.55
CA MET A 726 13.42 19.06 -0.05
C MET A 726 14.37 19.71 0.95
N PHE A 727 13.93 19.91 2.19
CA PHE A 727 14.65 20.75 3.14
C PHE A 727 15.33 19.94 4.23
N LEU A 728 14.56 19.25 5.07
CA LEU A 728 15.13 18.66 6.28
C LEU A 728 16.11 17.54 5.94
N VAL A 729 15.82 16.75 4.92
CA VAL A 729 16.65 15.60 4.57
C VAL A 729 18.04 16.05 4.15
N PRO A 730 18.21 16.91 3.12
CA PRO A 730 19.58 17.28 2.72
C PRO A 730 20.35 18.01 3.82
N ALA A 731 19.69 18.91 4.54
CA ALA A 731 20.35 19.66 5.60
C ALA A 731 20.85 18.74 6.71
N VAL A 732 19.95 17.92 7.26
CA VAL A 732 20.32 17.05 8.36
C VAL A 732 21.35 16.02 7.92
N MET A 733 21.32 15.61 6.65
CA MET A 733 22.34 14.68 6.19
C MET A 733 23.70 15.36 6.07
N LYS A 734 23.73 16.58 5.54
CA LYS A 734 24.99 17.30 5.46
C LYS A 734 25.55 17.62 6.84
N LEU A 735 24.68 17.78 7.83
CA LEU A 735 25.14 17.97 9.20
C LEU A 735 26.10 16.87 9.63
N LEU A 736 25.80 15.63 9.27
CA LEU A 736 26.69 14.50 9.54
C LEU A 736 27.78 14.30 8.50
N GLY A 737 27.69 14.99 7.35
CA GLY A 737 28.68 15.01 6.30
C GLY A 737 28.98 13.58 5.87
N ASP A 738 30.24 13.17 6.01
CA ASP A 738 30.68 11.85 5.57
C ASP A 738 30.44 10.77 6.62
N ASP A 739 29.63 11.04 7.63
CA ASP A 739 29.30 10.06 8.65
C ASP A 739 28.03 9.28 8.34
N CYS A 740 27.25 9.71 7.33
CA CYS A 740 25.95 9.11 7.07
C CYS A 740 26.08 7.70 6.49
N TRP A 741 27.09 7.46 5.66
CA TRP A 741 27.25 6.17 5.00
C TRP A 741 28.16 5.22 5.75
N TRP A 742 28.61 5.58 6.95
CA TRP A 742 29.50 4.71 7.70
C TRP A 742 28.77 3.45 8.13
N ALA A 743 29.23 2.31 7.61
CA ALA A 743 28.72 1.01 8.01
C ALA A 743 29.85 0.16 8.59
N PRO A 744 29.61 -0.51 9.71
CA PRO A 744 30.66 -1.31 10.33
C PRO A 744 30.75 -2.72 9.77
N ARG A 745 31.95 -3.30 9.91
CA ARG A 745 32.25 -4.65 9.43
C ARG A 745 31.85 -4.66 7.95
N TRP A 746 30.99 -5.60 7.59
CA TRP A 746 30.56 -5.74 6.20
C TRP A 746 29.06 -6.02 6.14
N MET A 747 28.27 -5.18 6.80
CA MET A 747 26.85 -5.11 6.46
C MET A 747 26.64 -4.65 5.02
N LYS A 748 27.61 -3.89 4.50
CA LYS A 748 27.53 -3.40 3.13
C LYS A 748 27.89 -4.48 2.13
N ARG A 749 27.18 -4.49 1.01
CA ARG A 749 27.46 -5.43 -0.07
C ARG A 749 28.87 -5.24 -0.61
N VAL A 750 29.39 -6.28 -1.24
CA VAL A 750 30.73 -6.27 -1.82
C VAL A 750 30.66 -5.68 -3.22
N GLN A 751 31.71 -4.97 -3.61
CA GLN A 751 31.80 -4.49 -4.98
C GLN A 751 31.99 -5.67 -5.94
N GLU A 752 31.27 -5.64 -7.05
CA GLU A 752 31.21 -6.78 -7.94
C GLU A 752 32.51 -6.96 -8.71
N LYS A 753 32.62 -8.09 -9.38
CA LYS A 753 33.68 -8.30 -10.37
C LYS A 753 33.36 -7.44 -11.59
N GLU A 754 34.13 -6.38 -11.78
CA GLU A 754 33.88 -5.45 -12.88
C GLU A 754 34.16 -6.16 -14.21
N PHE A 755 33.15 -6.22 -15.06
CA PHE A 755 33.30 -6.83 -16.38
C PHE A 755 34.43 -6.16 -17.15
N ASN A 756 35.34 -6.96 -17.69
CA ASN A 756 36.54 -6.48 -18.34
C ASN A 756 36.59 -6.97 -19.79
N ILE A 757 37.64 -6.52 -20.50
CA ILE A 757 37.85 -6.93 -21.89
C ILE A 757 38.10 -8.43 -21.98
N PHE A 758 38.65 -9.02 -20.91
CA PHE A 758 38.93 -10.45 -20.90
C PHE A 758 37.66 -11.26 -21.12
N GLU A 759 36.64 -11.02 -20.30
CA GLU A 759 35.39 -11.76 -20.43
C GLU A 759 34.68 -11.43 -21.74
N MET A 760 34.78 -10.18 -22.20
CA MET A 760 34.19 -9.81 -23.48
C MET A 760 34.74 -10.65 -24.63
N LEU A 761 36.07 -10.63 -24.80
CA LEU A 761 36.66 -11.38 -25.90
C LEU A 761 36.67 -12.88 -25.64
N ARG A 762 36.48 -13.31 -24.39
CA ARG A 762 36.19 -14.72 -24.15
C ARG A 762 34.82 -15.10 -24.69
N ILE A 763 33.84 -14.21 -24.54
CA ILE A 763 32.53 -14.44 -25.12
C ILE A 763 32.60 -14.45 -26.65
N ASP A 764 33.35 -13.50 -27.22
CA ASP A 764 33.37 -13.38 -28.68
C ASP A 764 34.31 -14.36 -29.35
N GLU A 765 35.35 -14.83 -28.66
CA GLU A 765 36.34 -15.70 -29.28
C GLU A 765 36.54 -17.03 -28.57
N GLY A 766 35.86 -17.26 -27.45
CA GLY A 766 35.96 -18.53 -26.76
C GLY A 766 37.18 -18.67 -25.88
N LEU A 767 37.06 -19.48 -24.82
CA LEU A 767 38.15 -19.75 -23.89
C LEU A 767 38.41 -21.26 -23.92
N ARG A 768 39.45 -21.67 -24.64
CA ARG A 768 39.81 -23.08 -24.75
C ARG A 768 41.17 -23.28 -24.09
N LEU A 769 41.22 -24.16 -23.09
CA LEU A 769 42.45 -24.42 -22.34
C LEU A 769 43.30 -25.52 -22.96
N LYS A 770 42.86 -26.11 -24.08
CA LYS A 770 43.59 -27.16 -24.75
C LYS A 770 43.73 -26.79 -26.22
N ILE A 771 44.90 -27.12 -26.79
CA ILE A 771 45.19 -26.78 -28.19
C ILE A 771 44.08 -27.32 -29.08
N TYR A 772 43.55 -26.46 -29.94
CA TYR A 772 42.47 -26.82 -30.83
C TYR A 772 42.74 -26.22 -32.21
N LYS A 773 41.95 -26.65 -33.18
CA LYS A 773 42.05 -26.13 -34.54
C LYS A 773 40.92 -25.13 -34.78
N ASP A 774 41.26 -23.98 -35.35
CA ASP A 774 40.28 -22.94 -35.64
C ASP A 774 39.55 -23.28 -36.93
N THR A 775 38.72 -22.35 -37.42
CA THR A 775 37.97 -22.57 -38.65
C THR A 775 38.88 -22.59 -39.87
N GLU A 776 40.09 -22.09 -39.76
CA GLU A 776 41.05 -22.11 -40.85
C GLU A 776 42.01 -23.30 -40.76
N GLY A 777 41.89 -24.12 -39.73
CA GLY A 777 42.72 -25.30 -39.61
C GLY A 777 44.08 -25.08 -38.97
N TYR A 778 44.28 -23.97 -38.30
CA TYR A 778 45.53 -23.69 -37.60
C TYR A 778 45.36 -23.94 -36.11
N TYR A 779 46.50 -24.10 -35.43
CA TYR A 779 46.51 -24.45 -34.02
C TYR A 779 46.33 -23.19 -33.17
N THR A 780 45.24 -23.17 -32.39
CA THR A 780 44.90 -22.05 -31.53
C THR A 780 44.73 -22.55 -30.10
N ILE A 781 44.86 -21.64 -29.14
CA ILE A 781 44.67 -21.97 -27.73
C ILE A 781 44.32 -20.69 -27.00
N GLY A 782 43.77 -20.83 -25.79
CA GLY A 782 43.41 -19.67 -25.01
C GLY A 782 42.26 -18.92 -25.65
N ILE A 783 42.43 -17.60 -25.79
CA ILE A 783 41.42 -16.78 -26.44
C ILE A 783 41.92 -16.37 -27.82
N GLY A 784 41.69 -17.21 -28.82
CA GLY A 784 42.06 -16.89 -30.19
C GLY A 784 43.53 -16.64 -30.41
N HIS A 785 44.39 -17.21 -29.56
CA HIS A 785 45.83 -17.00 -29.67
C HIS A 785 46.42 -18.01 -30.65
N LEU A 786 46.74 -17.54 -31.85
CA LEU A 786 47.37 -18.42 -32.84
C LEU A 786 48.74 -18.87 -32.36
N LEU A 787 48.96 -20.18 -32.38
CA LEU A 787 50.24 -20.75 -31.97
C LEU A 787 51.21 -20.81 -33.14
N THR A 788 50.83 -21.52 -34.21
CA THR A 788 51.65 -21.61 -35.41
C THR A 788 50.77 -22.07 -36.56
N LYS A 789 51.14 -21.66 -37.76
CA LYS A 789 50.44 -22.07 -38.98
C LYS A 789 50.99 -23.36 -39.56
N SER A 790 51.69 -24.15 -38.75
CA SER A 790 52.27 -25.44 -39.12
C SER A 790 51.29 -26.57 -38.82
N PRO A 791 51.24 -27.60 -39.67
CA PRO A 791 50.33 -28.73 -39.40
C PRO A 791 50.79 -29.63 -38.27
N SER A 792 52.03 -29.48 -37.81
CA SER A 792 52.58 -30.34 -36.76
C SER A 792 52.00 -29.94 -35.41
N LEU A 793 51.38 -30.91 -34.73
CA LEU A 793 50.93 -30.65 -33.36
C LEU A 793 52.09 -30.50 -32.40
N ASN A 794 53.21 -31.18 -32.67
CA ASN A 794 54.37 -31.09 -31.79
C ASN A 794 55.13 -29.78 -31.97
N ALA A 795 55.13 -29.20 -33.17
CA ALA A 795 55.69 -27.86 -33.32
C ALA A 795 54.85 -26.83 -32.58
N ALA A 796 53.52 -26.98 -32.64
CA ALA A 796 52.64 -26.11 -31.87
C ALA A 796 52.84 -26.29 -30.37
N LYS A 797 53.05 -27.53 -29.94
CA LYS A 797 53.33 -27.77 -28.53
C LYS A 797 54.67 -27.16 -28.12
N SER A 798 55.66 -27.22 -29.00
CA SER A 798 56.94 -26.57 -28.72
C SER A 798 56.76 -25.06 -28.56
N GLU A 799 55.99 -24.45 -29.47
CA GLU A 799 55.73 -23.01 -29.36
C GLU A 799 54.97 -22.68 -28.07
N LEU A 800 54.00 -23.51 -27.70
CA LEU A 800 53.21 -23.24 -26.51
C LEU A 800 54.04 -23.41 -25.24
N ASP A 801 54.89 -24.44 -25.20
CA ASP A 801 55.77 -24.65 -24.05
C ASP A 801 56.79 -23.52 -23.94
N LYS A 802 57.27 -23.02 -25.08
CA LYS A 802 58.17 -21.87 -25.07
C LYS A 802 57.44 -20.62 -24.58
N ALA A 803 56.16 -20.48 -24.92
CA ALA A 803 55.40 -19.29 -24.51
C ALA A 803 55.11 -19.30 -23.02
N ILE A 804 54.49 -20.38 -22.53
CA ILE A 804 54.10 -20.43 -21.12
C ILE A 804 55.33 -20.53 -20.23
N GLY A 805 56.33 -21.30 -20.64
CA GLY A 805 57.54 -21.48 -19.87
C GLY A 805 57.67 -22.82 -19.20
N ARG A 806 56.64 -23.66 -19.25
CA ARG A 806 56.69 -25.00 -18.67
C ARG A 806 56.38 -26.02 -19.76
N ASN A 807 56.21 -27.28 -19.36
CA ASN A 807 55.81 -28.36 -20.26
C ASN A 807 54.30 -28.50 -20.13
N THR A 808 53.58 -27.90 -21.08
CA THR A 808 52.13 -27.78 -20.98
C THR A 808 51.38 -29.00 -21.50
N ASN A 809 52.00 -29.81 -22.36
CA ASN A 809 51.35 -30.93 -23.03
C ASN A 809 50.14 -30.49 -23.85
N GLY A 810 50.10 -29.22 -24.24
CA GLY A 810 48.95 -28.67 -24.95
C GLY A 810 47.83 -28.19 -24.07
N VAL A 811 48.04 -28.11 -22.76
CA VAL A 811 46.99 -27.74 -21.81
C VAL A 811 47.52 -26.61 -20.92
N ILE A 812 46.74 -25.53 -20.82
CA ILE A 812 47.10 -24.38 -20.01
C ILE A 812 45.96 -24.10 -19.03
N THR A 813 46.29 -23.40 -17.95
CA THR A 813 45.29 -23.01 -16.98
C THR A 813 44.60 -21.71 -17.42
N LYS A 814 43.54 -21.35 -16.70
CA LYS A 814 42.78 -20.15 -17.06
C LYS A 814 43.62 -18.89 -16.88
N ASP A 815 44.44 -18.85 -15.83
CA ASP A 815 45.26 -17.66 -15.59
C ASP A 815 46.33 -17.50 -16.67
N GLU A 816 46.88 -18.61 -17.16
CA GLU A 816 47.85 -18.52 -18.25
C GLU A 816 47.19 -18.04 -19.54
N ALA A 817 45.94 -18.46 -19.77
CA ALA A 817 45.18 -17.92 -20.89
C ALA A 817 44.96 -16.42 -20.73
N GLU A 818 44.68 -15.97 -19.51
CA GLU A 818 44.54 -14.54 -19.26
C GLU A 818 45.85 -13.80 -19.54
N LYS A 819 46.98 -14.41 -19.19
CA LYS A 819 48.27 -13.80 -19.47
C LYS A 819 48.50 -13.65 -20.97
N LEU A 820 48.29 -14.73 -21.73
CA LEU A 820 48.44 -14.67 -23.19
C LEU A 820 47.51 -13.62 -23.78
N PHE A 821 46.27 -13.55 -23.30
CA PHE A 821 45.30 -12.59 -23.81
C PHE A 821 45.74 -11.16 -23.52
N ASN A 822 46.28 -10.91 -22.33
CA ASN A 822 46.77 -9.58 -22.01
C ASN A 822 47.95 -9.20 -22.89
N GLN A 823 48.83 -10.16 -23.18
CA GLN A 823 49.92 -9.91 -24.12
C GLN A 823 49.38 -9.49 -25.48
N ASP A 824 48.41 -10.24 -26.01
CA ASP A 824 47.85 -9.91 -27.31
C ASP A 824 47.17 -8.53 -27.29
N VAL A 825 46.47 -8.21 -26.20
CA VAL A 825 45.80 -6.91 -26.10
C VAL A 825 46.82 -5.79 -26.10
N ASP A 826 47.91 -5.94 -25.35
CA ASP A 826 48.94 -4.91 -25.32
C ASP A 826 49.59 -4.74 -26.69
N ALA A 827 49.83 -5.85 -27.39
CA ALA A 827 50.39 -5.76 -28.74
C ALA A 827 49.45 -5.00 -29.67
N ALA A 828 48.15 -5.30 -29.61
CA ALA A 828 47.18 -4.61 -30.46
C ALA A 828 47.12 -3.13 -30.12
N VAL A 829 47.19 -2.79 -28.83
CA VAL A 829 47.14 -1.37 -28.44
C VAL A 829 48.37 -0.65 -28.95
N ARG A 830 49.55 -1.25 -28.82
CA ARG A 830 50.76 -0.63 -29.35
C ARG A 830 50.66 -0.46 -30.87
N GLY A 831 50.05 -1.44 -31.55
CA GLY A 831 49.83 -1.29 -32.97
C GLY A 831 48.87 -0.17 -33.33
N ILE A 832 47.89 0.09 -32.46
CA ILE A 832 46.93 1.16 -32.72
C ILE A 832 47.59 2.53 -32.56
N LEU A 833 48.32 2.73 -31.46
CA LEU A 833 49.02 3.99 -31.24
C LEU A 833 50.07 4.24 -32.31
N ARG A 834 50.50 3.19 -33.03
CA ARG A 834 51.44 3.35 -34.12
C ARG A 834 50.74 3.79 -35.40
N ASN A 835 49.52 3.32 -35.62
CA ASN A 835 48.72 3.75 -36.77
C ASN A 835 48.14 5.12 -36.49
N ALA A 836 48.36 6.06 -37.42
CA ALA A 836 47.89 7.43 -37.25
C ALA A 836 46.42 7.60 -37.60
N LYS A 837 45.78 6.62 -38.24
CA LYS A 837 44.36 6.70 -38.54
C LYS A 837 43.49 6.18 -37.40
N LEU A 838 44.05 5.36 -36.50
CA LEU A 838 43.30 4.84 -35.37
C LEU A 838 43.66 5.51 -34.06
N LYS A 839 44.83 6.14 -33.97
CA LYS A 839 45.24 6.74 -32.70
C LYS A 839 44.33 7.88 -32.22
N PRO A 840 43.87 8.81 -33.07
CA PRO A 840 42.99 9.88 -32.54
C PRO A 840 41.69 9.35 -31.94
N VAL A 841 40.95 8.52 -32.67
CA VAL A 841 39.69 8.01 -32.15
C VAL A 841 39.92 7.15 -30.92
N TYR A 842 41.03 6.41 -30.90
CA TYR A 842 41.33 5.58 -29.73
C TYR A 842 41.63 6.44 -28.50
N ASP A 843 42.40 7.51 -28.67
CA ASP A 843 42.63 8.45 -27.57
C ASP A 843 41.36 9.18 -27.18
N SER A 844 40.36 9.25 -28.07
CA SER A 844 39.12 9.96 -27.78
C SER A 844 38.18 9.16 -26.89
N LEU A 845 38.18 7.82 -27.01
CA LEU A 845 37.14 6.99 -26.42
C LEU A 845 37.43 6.68 -24.95
N ASP A 846 36.43 6.07 -24.32
CA ASP A 846 36.53 5.56 -22.95
C ASP A 846 36.89 4.07 -22.98
N ALA A 847 37.16 3.53 -21.78
CA ALA A 847 37.72 2.19 -21.67
C ALA A 847 36.83 1.14 -22.32
N VAL A 848 35.51 1.30 -22.21
CA VAL A 848 34.60 0.29 -22.76
C VAL A 848 34.58 0.37 -24.29
N ARG A 849 34.44 1.58 -24.83
CA ARG A 849 34.48 1.73 -26.28
C ARG A 849 35.88 1.47 -26.83
N ARG A 850 36.92 1.74 -26.03
CA ARG A 850 38.26 1.34 -26.44
C ARG A 850 38.38 -0.18 -26.52
N ALA A 851 37.75 -0.89 -25.58
CA ALA A 851 37.72 -2.35 -25.66
C ALA A 851 36.95 -2.81 -26.90
N ALA A 852 35.88 -2.11 -27.25
CA ALA A 852 35.16 -2.44 -28.48
C ALA A 852 36.04 -2.25 -29.71
N LEU A 853 36.82 -1.16 -29.74
CA LEU A 853 37.72 -0.94 -30.87
C LEU A 853 38.81 -2.01 -30.91
N ILE A 854 39.32 -2.42 -29.75
CA ILE A 854 40.31 -3.50 -29.71
C ILE A 854 39.69 -4.80 -30.18
N ASN A 855 38.41 -5.01 -29.89
CA ASN A 855 37.70 -6.19 -30.40
C ASN A 855 37.67 -6.17 -31.92
N MET A 856 37.26 -5.03 -32.49
CA MET A 856 37.25 -4.90 -33.95
C MET A 856 38.63 -5.12 -34.54
N VAL A 857 39.68 -4.62 -33.86
CA VAL A 857 41.05 -4.83 -34.33
C VAL A 857 41.39 -6.31 -34.32
N PHE A 858 41.28 -6.96 -33.16
CA PHE A 858 41.53 -8.39 -33.03
C PHE A 858 40.81 -9.18 -34.12
N GLN A 859 39.60 -8.75 -34.49
CA GLN A 859 38.85 -9.50 -35.49
C GLN A 859 39.41 -9.27 -36.90
N MET A 860 39.48 -8.01 -37.34
CA MET A 860 39.64 -7.73 -38.76
C MET A 860 40.92 -6.97 -39.11
N GLY A 861 41.89 -6.89 -38.21
CA GLY A 861 43.11 -6.16 -38.52
C GLY A 861 42.97 -4.65 -38.42
N GLU A 862 44.07 -3.97 -38.10
CA GLU A 862 44.05 -2.51 -38.10
C GLU A 862 43.76 -1.96 -39.48
N THR A 863 44.25 -2.64 -40.53
CA THR A 863 43.98 -2.21 -41.90
C THR A 863 42.49 -2.22 -42.19
N GLY A 864 41.78 -3.21 -41.67
CA GLY A 864 40.34 -3.29 -41.87
C GLY A 864 39.58 -2.31 -41.00
N VAL A 865 40.07 -2.09 -39.78
CA VAL A 865 39.42 -1.15 -38.87
C VAL A 865 39.53 0.27 -39.40
N ALA A 866 40.70 0.63 -39.97
CA ALA A 866 40.90 1.96 -40.49
C ALA A 866 40.02 2.27 -41.70
N GLY A 867 39.45 1.25 -42.33
CA GLY A 867 38.54 1.48 -43.44
C GLY A 867 37.21 2.08 -43.06
N PHE A 868 36.90 2.14 -41.77
CA PHE A 868 35.66 2.75 -41.28
C PHE A 868 35.87 4.23 -40.97
N THR A 869 36.32 4.96 -41.98
CA THR A 869 36.79 6.34 -41.79
C THR A 869 35.70 7.20 -41.16
N ASN A 870 34.54 7.30 -41.82
CA ASN A 870 33.49 8.19 -41.31
C ASN A 870 32.91 7.67 -40.00
N SER A 871 32.86 6.35 -39.85
CA SER A 871 32.35 5.71 -38.61
C SER A 871 33.26 6.11 -37.45
N LEU A 872 34.59 5.95 -37.63
CA LEU A 872 35.55 6.32 -36.61
C LEU A 872 35.52 7.82 -36.35
N ARG A 873 35.25 8.63 -37.38
CA ARG A 873 35.09 10.07 -37.16
C ARG A 873 33.88 10.36 -36.28
N MET A 874 32.76 9.68 -36.55
CA MET A 874 31.56 9.83 -35.75
C MET A 874 31.83 9.47 -34.30
N LEU A 875 32.50 8.34 -34.07
CA LEU A 875 32.84 7.93 -32.71
C LEU A 875 33.76 8.94 -32.03
N GLN A 876 34.77 9.43 -32.77
CA GLN A 876 35.67 10.43 -32.21
C GLN A 876 34.93 11.70 -31.81
N GLN A 877 33.88 12.06 -32.54
CA GLN A 877 33.03 13.20 -32.21
C GLN A 877 31.92 12.83 -31.23
N LYS A 878 31.98 11.61 -30.67
CA LYS A 878 31.01 11.15 -29.67
C LYS A 878 29.58 11.16 -30.20
N ARG A 879 29.43 10.89 -31.49
CA ARG A 879 28.12 10.77 -32.11
C ARG A 879 27.75 9.28 -32.21
N TRP A 880 27.39 8.73 -31.04
CA TRP A 880 27.26 7.29 -30.91
C TRP A 880 26.13 6.72 -31.75
N ASP A 881 25.02 7.46 -31.85
CA ASP A 881 23.88 6.97 -32.61
C ASP A 881 24.21 6.86 -34.10
N GLU A 882 24.72 7.94 -34.68
CA GLU A 882 25.09 7.92 -36.09
C GLU A 882 26.20 6.89 -36.35
N ALA A 883 27.17 6.81 -35.45
CA ALA A 883 28.26 5.85 -35.62
C ALA A 883 27.74 4.42 -35.61
N ALA A 884 26.81 4.11 -34.70
CA ALA A 884 26.25 2.77 -34.64
C ALA A 884 25.45 2.46 -35.90
N VAL A 885 24.61 3.41 -36.33
CA VAL A 885 23.80 3.18 -37.52
C VAL A 885 24.67 2.97 -38.75
N ASN A 886 25.79 3.69 -38.83
CA ASN A 886 26.67 3.56 -39.99
C ASN A 886 27.49 2.27 -39.93
N LEU A 887 27.95 1.89 -38.72
CA LEU A 887 28.68 0.63 -38.58
C LEU A 887 27.79 -0.56 -38.93
N ALA A 888 26.51 -0.47 -38.62
CA ALA A 888 25.59 -1.56 -38.94
C ALA A 888 25.35 -1.70 -40.45
N LYS A 889 26.03 -0.97 -41.31
CA LYS A 889 25.83 -1.06 -42.75
C LYS A 889 27.03 -1.63 -43.49
N SER A 890 28.07 -2.06 -42.76
CA SER A 890 29.20 -2.72 -43.38
C SER A 890 28.84 -4.16 -43.72
N ARG A 891 29.70 -4.82 -44.49
CA ARG A 891 29.57 -6.25 -44.68
C ARG A 891 30.15 -7.03 -43.50
N TRP A 892 30.89 -6.36 -42.62
CA TRP A 892 31.27 -6.96 -41.35
C TRP A 892 30.04 -7.37 -40.55
N TYR A 893 29.01 -6.52 -40.54
CA TYR A 893 27.74 -6.89 -39.91
C TYR A 893 27.03 -7.98 -40.69
N ASN A 894 27.18 -8.01 -42.01
CA ASN A 894 26.49 -9.02 -42.81
C ASN A 894 27.10 -10.41 -42.64
N GLN A 895 28.39 -10.49 -42.38
CA GLN A 895 29.09 -11.76 -42.24
C GLN A 895 29.18 -12.25 -40.80
N THR A 896 29.36 -11.37 -39.83
CA THR A 896 29.37 -11.71 -38.41
C THR A 896 28.36 -10.83 -37.71
N PRO A 897 27.07 -11.15 -37.81
CA PRO A 897 26.04 -10.21 -37.33
C PRO A 897 25.94 -10.13 -35.81
N ASN A 898 26.11 -11.25 -35.10
CA ASN A 898 25.91 -11.25 -33.65
C ASN A 898 27.04 -10.50 -32.95
N ARG A 899 28.29 -10.83 -33.27
CA ARG A 899 29.42 -10.15 -32.66
C ARG A 899 29.43 -8.67 -33.06
N ALA A 900 29.12 -8.37 -34.32
CA ALA A 900 29.07 -6.98 -34.75
C ALA A 900 27.98 -6.21 -34.01
N LYS A 901 26.81 -6.83 -33.82
CA LYS A 901 25.74 -6.17 -33.09
C LYS A 901 26.13 -5.92 -31.65
N ARG A 902 26.82 -6.89 -31.02
CA ARG A 902 27.27 -6.70 -29.65
C ARG A 902 28.27 -5.55 -29.56
N VAL A 903 29.22 -5.49 -30.50
CA VAL A 903 30.24 -4.44 -30.46
C VAL A 903 29.63 -3.08 -30.75
N ILE A 904 28.68 -3.03 -31.69
CA ILE A 904 28.03 -1.77 -32.02
C ILE A 904 27.16 -1.30 -30.86
N THR A 905 26.54 -2.22 -30.13
CA THR A 905 25.81 -1.84 -28.91
C THR A 905 26.77 -1.29 -27.86
N THR A 906 27.91 -1.95 -27.70
CA THR A 906 28.94 -1.43 -26.79
C THR A 906 29.36 -0.03 -27.17
N PHE A 907 29.44 0.25 -28.47
CA PHE A 907 29.75 1.60 -28.92
C PHE A 907 28.63 2.58 -28.59
N ARG A 908 27.38 2.19 -28.88
CA ARG A 908 26.26 3.11 -28.71
C ARG A 908 26.05 3.47 -27.25
N THR A 909 26.10 2.48 -26.36
CA THR A 909 25.76 2.70 -24.96
C THR A 909 26.98 2.98 -24.08
N GLY A 910 28.12 2.35 -24.35
CA GLY A 910 29.27 2.51 -23.49
C GLY A 910 29.27 1.62 -22.28
N THR A 911 28.51 0.52 -22.30
CA THR A 911 28.41 -0.41 -21.18
C THR A 911 28.66 -1.83 -21.67
N TRP A 912 28.97 -2.71 -20.71
CA TRP A 912 29.13 -4.12 -20.99
C TRP A 912 27.81 -4.86 -21.07
N ASP A 913 26.69 -4.13 -21.10
CA ASP A 913 25.37 -4.77 -21.01
C ASP A 913 25.12 -5.73 -22.16
N ALA A 914 25.68 -5.44 -23.34
CA ALA A 914 25.54 -6.36 -24.47
C ALA A 914 26.27 -7.68 -24.24
N TYR A 915 27.15 -7.76 -23.24
CA TYR A 915 27.89 -8.98 -22.95
C TYR A 915 27.57 -9.58 -21.59
N GLU A 916 27.05 -8.80 -20.65
CA GLU A 916 26.65 -9.36 -19.36
C GLU A 916 25.40 -10.22 -19.48
N PHE A 917 24.61 -10.04 -20.54
CA PHE A 917 23.43 -10.86 -20.81
C PHE A 917 23.32 -10.98 -22.33
N HIS A 918 24.02 -11.96 -22.89
CA HIS A 918 24.18 -12.07 -24.33
C HIS A 918 23.59 -13.38 -24.85
N LEU A 919 23.44 -13.45 -26.16
CA LEU A 919 22.97 -14.64 -26.87
C LEU A 919 24.02 -15.73 -26.71
N GLY A 920 23.74 -16.71 -25.84
CA GLY A 920 24.75 -17.65 -25.44
C GLY A 920 25.11 -18.63 -26.54
N GLY A 921 26.38 -19.06 -26.53
CA GLY A 921 26.83 -20.13 -27.39
C GLY A 921 27.39 -19.72 -28.73
N ILE A 922 28.72 -19.69 -28.84
CA ILE A 922 29.38 -19.55 -30.12
C ILE A 922 29.82 -20.94 -30.57
N LYS A 923 29.99 -21.10 -31.88
CA LYS A 923 30.32 -22.40 -32.45
C LYS A 923 31.66 -22.42 -33.17
N ALA A 924 31.99 -21.37 -33.91
CA ALA A 924 33.19 -21.32 -34.73
C ALA A 924 34.21 -20.40 -34.08
N PHE A 925 35.36 -20.96 -33.71
CA PHE A 925 36.44 -20.20 -33.10
C PHE A 925 37.48 -19.88 -34.16
N HIS A 926 37.92 -18.62 -34.19
CA HIS A 926 38.92 -18.15 -35.16
C HIS A 926 39.99 -17.36 -34.44
N HIS A 927 41.25 -17.62 -34.80
CA HIS A 927 42.37 -16.91 -34.20
C HIS A 927 42.32 -15.44 -34.58
N HIS A 928 42.81 -14.59 -33.68
CA HIS A 928 42.75 -13.15 -33.87
C HIS A 928 44.08 -12.60 -34.36
N HIS A 929 44.04 -11.36 -34.85
CA HIS A 929 45.25 -10.67 -35.23
C HIS A 929 46.08 -10.31 -34.00
N HIS A 930 47.32 -9.89 -34.25
CA HIS A 930 48.26 -9.52 -33.18
C HIS A 930 48.50 -10.70 -32.23
N HIS A 931 48.60 -11.90 -32.79
CA HIS A 931 49.00 -13.07 -32.01
C HIS A 931 50.44 -12.87 -31.53
N HIS A 932 50.60 -12.47 -30.26
CA HIS A 932 51.89 -12.03 -29.76
C HIS A 932 52.76 -13.23 -29.42
N HIS A 933 53.93 -13.33 -30.05
CA HIS A 933 54.91 -14.34 -29.75
C HIS A 933 56.09 -13.71 -29.01
N HIS A 934 56.80 -14.55 -28.27
CA HIS A 934 58.01 -14.10 -27.56
C HIS A 934 58.93 -15.28 -27.26
C10 FFU B . 7.59 5.41 -3.74
C11 FFU B . 8.45 5.82 -4.93
C12 FFU B . 8.07 5.08 -6.22
C13 FFU B . 8.77 5.78 -7.39
C14 FFU B . 8.57 3.64 -6.12
C15 FFU B . 6.57 5.09 -6.49
C02 FFU B . 1.73 3.34 2.60
C03 FFU B . 2.88 3.51 1.85
C04 FFU B . 2.83 4.15 0.58
C06 FFU B . 3.25 5.06 -1.40
C07 FFU B . 4.01 5.55 -2.63
C09 FFU B . 6.10 5.50 -4.05
C16 FFU B . 5.74 4.67 -5.27
C18 FFU B . 1.89 5.19 -1.16
C19 FFU B . 1.63 4.61 0.10
C20 FFU B . 0.44 4.44 0.87
C22 FFU B . 0.50 3.80 2.10
F01 FFU B . 1.79 2.73 3.82
F21 FFU B . -0.75 4.88 0.39
N05 FFU B . 3.79 4.45 -0.35
N08 FFU B . 5.35 5.06 -2.89
O17 FFU B . 3.51 6.33 -3.37
C1 L6T C . 18.01 -3.90 -2.19
C2 L6T C . 19.08 -4.75 -2.82
C3 L6T C . 18.58 -6.03 -3.34
C4 L6T C . 17.17 -6.02 -3.81
C5 L6T C . 16.19 -5.43 -2.75
C6 L6T C . 15.33 -6.45 -2.28
CAA L6T C . 17.90 -2.07 -3.69
CAO L6T C . 18.03 -1.49 -6.12
CAP L6T C . 18.92 -1.91 -7.24
CAR L6T C . 18.49 -0.14 -5.57
CAT L6T C . 17.66 0.32 -4.41
CAV L6T C . 17.09 -0.77 -3.58
CAX L6T C . 13.90 -7.98 -3.44
CAY L6T C . 13.26 -8.54 -2.14
CAZ L6T C . 13.71 -10.02 -1.93
CBA L6T C . 12.94 -10.96 -2.91
CBB L6T C . 11.47 -11.16 -2.37
CBC L6T C . 10.82 -12.35 -3.13
CBD L6T C . 9.26 -12.31 -2.95
CBE L6T C . 8.91 -12.58 -1.46
CBF L6T C . 9.24 -14.06 -1.09
CBG L6T C . 8.57 -15.02 -2.10
CBH L6T C . 7.04 -14.99 -1.94
CBI L6T C . 6.40 -15.78 -3.09
O1 L6T C . 17.23 -3.08 -3.04
O2 L6T C . 19.90 -4.11 -3.88
O3 L6T C . 18.70 -7.05 -2.27
O4 L6T C . 17.07 -5.22 -4.99
O5 L6T C . 17.02 -4.82 -1.62
O6 L6T C . 14.27 -6.61 -3.22
OAN L6T C . 18.08 -2.54 -5.10
OAQ L6T C . 19.14 -0.82 -8.11
OAS L6T C . 18.41 0.83 -6.61
OAU L6T C . 18.51 1.12 -3.55
OAW L6T C . 15.72 -1.02 -3.98
C1 L6T D . -25.05 -6.47 20.98
C2 L6T D . -26.17 -6.94 21.77
C3 L6T D . -27.34 -7.06 20.99
C4 L6T D . -27.72 -5.79 20.42
C5 L6T D . -26.56 -5.19 19.61
C6 L6T D . -26.79 -3.86 19.24
CAA L6T D . -23.68 -7.56 19.86
CAO L6T D . -22.23 -9.50 19.48
CAP L6T D . -21.67 -10.75 20.06
CAR L6T D . -21.22 -8.40 19.64
CAT L6T D . -21.68 -7.50 18.57
CAV L6T D . -23.16 -7.24 18.52
CAX L6T D . -25.47 -2.91 17.47
CAY L6T D . -25.55 -2.65 15.95
CAZ L6T D . -24.75 -1.34 15.59
CBA L6T D . -25.01 -0.91 14.13
CBB L6T D . -24.25 0.44 13.82
CBC L6T D . -23.70 0.47 12.37
CBD L6T D . -22.15 0.56 12.34
CBE L6T D . -21.69 0.51 10.86
CBF L6T D . -20.21 0.92 10.65
CBG L6T D . -20.03 1.34 9.17
CBH L6T D . -18.65 0.99 8.60
CBI L6T D . -18.74 0.44 7.18
O1 L6T D . -24.97 -7.26 19.87
O2 L6T D . -25.84 -8.30 22.14
O3 L6T D . -28.37 -7.42 21.97
O4 L6T D . -28.76 -6.09 19.53
O5 L6T D . -25.35 -5.15 20.50
O6 L6T D . -26.53 -3.77 17.85
OAN L6T D . -23.45 -9.02 20.10
OAQ L6T D . -20.46 -10.91 19.40
OAS L6T D . -19.95 -8.90 19.34
OAU L6T D . -20.94 -6.30 18.83
OAW L6T D . -23.87 -8.17 17.66
C1 L6T E . -42.30 -3.14 26.06
C2 L6T E . -41.15 -2.70 26.89
C3 L6T E . -41.42 -1.47 27.64
C4 L6T E . -42.31 -0.48 26.95
C5 L6T E . -42.52 -0.65 25.41
C6 L6T E . -41.47 0.01 24.68
CAA L6T E . -44.53 -3.82 26.36
CAO L6T E . -45.50 -5.16 24.49
CAP L6T E . -45.96 -4.85 23.09
CAR L6T E . -46.71 -5.07 25.44
CAT L6T E . -46.33 -5.51 26.81
CAV L6T E . -45.02 -4.97 27.23
CAX L6T E . -40.63 0.38 22.46
CAY L6T E . -39.28 0.73 23.14
CAZ L6T E . -38.55 1.78 22.24
CBA L6T E . -37.02 1.71 22.52
CBB L6T E . -36.30 2.23 21.23
CBC L6T E . -34.85 2.72 21.58
CBD L6T E . -34.46 3.88 20.60
CBE L6T E . -32.91 3.98 20.44
CBF L6T E . -32.61 4.46 18.99
CBG L6T E . -31.20 5.10 18.92
CBH L6T E . -30.12 3.99 18.84
CBI L6T E . -29.04 4.44 17.84
O1 L6T E . -43.36 -3.38 26.94
O2 L6T E . -40.80 -3.78 27.84
O3 L6T E . -40.14 -0.81 27.94
O4 L6T E . -43.60 -0.50 27.58
O5 L6T E . -42.66 -2.14 25.03
O6 L6T E . -41.36 -0.51 23.35
OAN L6T E . -44.40 -4.25 24.92
OAQ L6T E . -46.83 -5.87 22.68
OAS L6T E . -47.79 -5.87 24.95
OAU L6T E . -47.36 -5.04 27.75
OAW L6T E . -44.05 -6.04 27.21
C1 L6T F . -11.46 28.84 10.34
C2 L6T F . -12.34 28.02 11.19
C3 L6T F . -11.63 27.61 12.38
C4 L6T F . -10.27 27.20 12.05
C5 L6T F . -9.82 27.05 10.55
C6 L6T F . -9.95 25.74 10.02
CAA L6T F . -11.47 30.49 11.86
CAO L6T F . -9.61 32.04 11.98
CAP L6T F . -9.10 33.15 12.85
CAR L6T F . -10.08 32.67 10.67
CAT L6T F . -11.31 32.11 10.04
CAV L6T F . -12.22 31.46 10.99
CAX L6T F . -8.85 24.30 8.48
CAY L6T F . -8.07 24.24 7.15
CAZ L6T F . -8.43 22.94 6.33
CBA L6T F . -9.24 23.33 5.06
CBB L6T F . -9.03 22.31 3.87
CBC L6T F . -9.90 22.75 2.65
CBD L6T F . -9.71 21.81 1.41
CBE L6T F . -11.09 21.54 0.74
CBF L6T F . -11.69 22.80 0.05
CBG L6T F . -13.19 22.99 0.44
CBH L6T F . -14.03 23.31 -0.82
CBI L6T F . -15.48 23.56 -0.40
O1 L6T F . -10.67 29.70 11.10
O2 L6T F . -13.56 28.82 11.49
O3 L6T F . -12.28 26.50 13.10
O4 L6T F . -9.53 28.27 12.61
O5 L6T F . -10.61 27.94 9.60
O6 L6T F . -9.23 25.65 8.79
OAN L6T F . -10.62 31.30 12.75
OAQ L6T F . -10.17 33.79 13.49
OAS L6T F . -8.99 32.58 9.73
OAU L6T F . -12.11 33.20 9.48
OAW L6T F . -13.27 30.82 10.22
C1 L6T G . -21.06 18.08 -2.49
C2 L6T G . -20.41 16.74 -2.30
C3 L6T G . -19.77 16.24 -3.51
C4 L6T G . -18.76 17.16 -4.10
C5 L6T G . -18.98 18.65 -3.72
C6 L6T G . -18.43 19.53 -4.70
CAA L6T G . -21.84 18.52 -0.37
CAO L6T G . -20.24 18.37 1.54
CAP L6T G . -20.62 17.99 2.95
CAR L6T G . -20.18 19.90 1.41
CAT L6T G . -21.46 20.59 0.99
CAV L6T G . -22.44 19.75 0.28
CAX L6T G . -16.99 21.43 -4.92
CAY L6T G . -15.56 21.86 -4.48
CAZ L6T G . -14.64 21.92 -5.75
CBA L6T G . -13.59 23.07 -5.58
CBB L6T G . -12.63 22.74 -4.39
CBC L6T G . -11.68 21.55 -4.78
CBD L6T G . -10.23 21.85 -4.28
CBE L6T G . -9.53 22.82 -5.27
CBF L6T G . -8.09 22.31 -5.56
CBG L6T G . -7.06 23.17 -4.77
CBH L6T G . -6.35 24.14 -5.75
CBI L6T G . -5.67 25.26 -4.95
O1 L6T G . -20.92 18.87 -1.35
O2 L6T G . -19.38 16.82 -1.22
O3 L6T G . -20.84 15.99 -4.52
O4 L6T G . -17.46 16.76 -3.65
O5 L6T G . -20.49 18.83 -3.62
O6 L6T G . -17.46 20.37 -4.07
OAN L6T G . -21.16 17.66 0.63
OAQ L6T G . -22.02 17.90 3.05
OAS L6T G . -19.16 20.24 0.46
OAU L6T G . -22.10 21.15 2.19
OAW L6T G . -23.09 20.55 -0.73
N1 MHA H . 30.34 -15.37 -35.04
C1 MHA H . 31.46 -15.59 -34.13
C2 MHA H . 32.62 -14.68 -34.49
O1 MHA H . 32.76 -14.26 -35.67
O2 MHA H . 33.44 -14.34 -33.59
C3 MHA H . 29.37 -14.54 -34.37
C4 MHA H . 28.57 -13.71 -35.37
O3 MHA H . 27.98 -14.26 -36.34
O4 MHA H . 28.50 -12.45 -35.22
C5 MHA H . 29.75 -16.65 -35.44
C6 MHA H . 29.55 -17.60 -34.25
O5 MHA H . 30.27 -18.52 -34.10
N2 MHA H . 28.47 -17.39 -33.31
N1 MHA I . 32.64 4.31 -44.85
C1 MHA I . 31.26 3.97 -45.18
C2 MHA I . 30.50 5.14 -45.78
O1 MHA I . 29.77 5.80 -45.01
O2 MHA I . 30.66 5.35 -46.99
C3 MHA I . 33.16 5.41 -45.65
C4 MHA I . 34.60 5.16 -46.11
O3 MHA I . 35.06 5.91 -46.99
O4 MHA I . 35.21 4.20 -45.58
C5 MHA I . 32.88 4.47 -43.42
C6 MHA I . 32.31 3.33 -42.60
O5 MHA I . 33.04 2.46 -42.14
N2 MHA I . 31.00 3.34 -42.42
#